data_1A0H
#
_entry.id   1A0H
#
_cell.length_a   186.150
_cell.length_b   186.150
_cell.length_c   120.290
_cell.angle_alpha   90.00
_cell.angle_beta   90.00
_cell.angle_gamma   90.00
#
_symmetry.space_group_name_H-M   'P 41 21 2'
#
loop_
_entity.id
_entity.type
_entity.pdbx_description
1 polymer MEIZOTHROMBIN
2 polymer MEIZOTHROMBIN
3 branched 2-acetamido-2-deoxy-beta-D-glucopyranose-(1-4)-2-acetamido-2-deoxy-beta-D-glucopyranose
4 non-polymer D-phenylalanyl-N-[(2S,3S)-6-{[amino(iminio)methyl]amino}-1-chloro-2-hydroxyhexan-3-yl]-L-prolinamide
5 water water
#
loop_
_entity_poly.entity_id
_entity_poly.type
_entity_poly.pdbx_seq_one_letter_code
_entity_poly.pdbx_strand_id
1 'polypeptide(L)'
;SPLLETCVPDRGREYRGRLAVTTHGSRCLAWSSEQAKALSKDQDFNPAVPLAENFCRNPDGDEEGAWCYVADQPGDFEYC
DLNYCEEPVDGDLGDRLGEDPDPDAAIEGRTSEDHFQPFFNEKTFGAGEADCGLRPLFEKKQVQDQTEKELFESYIEGR
;
A,D
2 'polypeptide(L)'
;IVEGQDAEVGLSPWQVMLFRKSPQELLCGASLISDRWVLTAAHCLLYPPWDKNFTVDDLLVRIGKHSRTRYERKVEKISM
LDKIYIHPRYNWKENLDRDIALLKLKRPIELSDYIHPVCLPDKQTAAKLLHAGFKGRVTGWGNRRETWTTSVAEVQPSVL
QVVNLPLVERPVCKASTRIRITDNMFCAGYKPGEGKRGDACEGDSGGPFVMKSPYNNRWYQMGIVSWGEGCDRDGKYGFY
THVFRLKKWIQKVIDRLGS
;
B,E
#
loop_
_chem_comp.id
_chem_comp.type
_chem_comp.name
_chem_comp.formula
0G6 peptide-like D-phenylalanyl-N-[(2S,3S)-6-{[amino(iminio)methyl]amino}-1-chloro-2-hydroxyhexan-3-yl]-L-prolinamide 'C21 H34 Cl N6 O3 1'
NAG D-saccharide, beta linking 2-acetamido-2-deoxy-beta-D-glucopyranose 'C8 H15 N O6'
#
# COMPACT_ATOMS: atom_id res chain seq x y z
N SER A 1 8.76 -7.60 -18.15
CA SER A 1 9.63 -8.53 -18.94
C SER A 1 8.77 -9.69 -19.43
N PRO A 2 8.86 -9.99 -20.73
CA PRO A 2 8.12 -11.07 -21.39
C PRO A 2 8.75 -12.43 -21.14
N LEU A 3 10.06 -12.48 -21.34
CA LEU A 3 10.85 -13.69 -21.20
C LEU A 3 11.28 -13.95 -19.74
N LEU A 4 10.39 -13.64 -18.80
CA LEU A 4 10.63 -13.81 -17.37
C LEU A 4 10.07 -15.19 -16.98
N GLU A 5 10.21 -15.55 -15.71
CA GLU A 5 9.71 -16.83 -15.23
C GLU A 5 8.18 -16.84 -15.24
N THR A 6 7.58 -17.95 -14.84
CA THR A 6 6.11 -18.06 -14.82
C THR A 6 5.47 -17.34 -13.63
N CYS A 7 4.15 -17.44 -13.55
CA CYS A 7 3.32 -16.83 -12.52
C CYS A 7 3.34 -17.59 -11.18
N VAL A 8 3.98 -17.01 -10.17
CA VAL A 8 4.11 -17.65 -8.86
C VAL A 8 2.75 -17.84 -8.20
N PRO A 9 2.40 -19.10 -7.92
CA PRO A 9 1.14 -19.49 -7.29
C PRO A 9 1.14 -19.56 -5.78
N ASP A 10 0.09 -20.20 -5.26
CA ASP A 10 -0.18 -20.40 -3.84
C ASP A 10 0.42 -19.35 -2.92
N ARG A 11 0.19 -18.10 -3.30
CA ARG A 11 0.68 -16.93 -2.58
C ARG A 11 2.13 -17.09 -2.15
N GLY A 12 2.92 -17.55 -3.11
CA GLY A 12 4.34 -17.74 -2.92
C GLY A 12 4.70 -18.73 -1.86
N ARG A 13 3.73 -19.50 -1.36
CA ARG A 13 4.06 -20.45 -0.32
C ARG A 13 5.18 -21.42 -0.77
N GLU A 14 4.87 -22.22 -1.78
CA GLU A 14 5.83 -23.18 -2.29
C GLU A 14 6.98 -22.54 -3.09
N TYR A 15 7.23 -21.25 -2.88
CA TYR A 15 8.29 -20.55 -3.62
C TYR A 15 9.64 -21.07 -3.27
N ARG A 16 10.44 -21.34 -4.29
CA ARG A 16 11.79 -21.82 -4.05
C ARG A 16 12.77 -21.10 -4.98
N GLY A 17 12.55 -19.80 -5.20
CA GLY A 17 13.39 -19.00 -6.09
C GLY A 17 14.67 -18.42 -5.54
N ARG A 18 15.13 -17.32 -6.10
CA ARG A 18 16.37 -16.76 -5.59
C ARG A 18 16.33 -15.24 -5.38
N LEU A 19 15.16 -14.63 -5.46
CA LEU A 19 15.16 -13.17 -5.27
C LEU A 19 15.49 -12.82 -3.80
N ALA A 20 16.53 -12.01 -3.62
CA ALA A 20 16.96 -11.59 -2.28
C ALA A 20 16.88 -10.08 -2.10
N VAL A 21 15.80 -9.45 -2.57
CA VAL A 21 15.63 -7.98 -2.46
C VAL A 21 14.17 -7.67 -2.16
N THR A 22 13.94 -6.71 -1.26
CA THR A 22 12.58 -6.35 -0.85
C THR A 22 11.91 -5.28 -1.72
N THR A 23 10.59 -5.15 -1.60
CA THR A 23 9.83 -4.19 -2.37
C THR A 23 10.34 -2.80 -2.06
N HIS A 24 10.75 -2.58 -0.81
CA HIS A 24 11.21 -1.28 -0.43
C HIS A 24 12.46 -1.01 -1.23
N GLY A 25 13.02 -2.11 -1.74
CA GLY A 25 14.23 -2.06 -2.56
C GLY A 25 15.46 -2.38 -1.73
N SER A 26 15.25 -3.01 -0.59
CA SER A 26 16.34 -3.33 0.32
C SER A 26 16.92 -4.73 0.20
N ARG A 27 18.07 -4.93 0.82
CA ARG A 27 18.77 -6.20 0.80
C ARG A 27 18.00 -7.39 1.32
N CYS A 28 18.60 -8.17 2.21
CA CYS A 28 17.94 -9.37 2.74
C CYS A 28 18.88 -10.07 3.74
N LEU A 29 18.39 -10.72 4.79
CA LEU A 29 19.33 -11.34 5.74
C LEU A 29 19.27 -12.83 5.69
N ALA A 30 20.40 -13.46 6.04
CA ALA A 30 20.54 -14.91 6.05
C ALA A 30 19.57 -15.59 6.99
N TRP A 31 18.59 -16.29 6.42
CA TRP A 31 17.58 -17.00 7.20
C TRP A 31 18.08 -17.50 8.53
N SER A 32 19.30 -18.03 8.53
CA SER A 32 19.93 -18.53 9.74
C SER A 32 21.10 -17.59 10.01
N SER A 33 20.87 -16.62 10.88
CA SER A 33 21.89 -15.65 11.20
C SER A 33 21.76 -15.17 12.60
N GLU A 34 22.74 -14.38 13.03
CA GLU A 34 22.72 -13.84 14.39
C GLU A 34 21.43 -13.01 14.57
N GLN A 35 20.96 -12.37 13.49
CA GLN A 35 19.75 -11.57 13.57
C GLN A 35 18.48 -12.36 13.33
N ALA A 36 18.37 -12.96 12.16
CA ALA A 36 17.19 -13.72 11.78
C ALA A 36 16.90 -14.98 12.56
N LYS A 37 17.87 -15.52 13.28
CA LYS A 37 17.58 -16.75 14.02
C LYS A 37 17.05 -16.44 15.42
N ALA A 38 17.00 -15.17 15.75
CA ALA A 38 16.46 -14.75 17.04
C ALA A 38 14.97 -14.33 16.83
N LEU A 39 14.68 -13.70 15.68
CA LEU A 39 13.32 -13.24 15.33
C LEU A 39 12.42 -14.43 15.03
N SER A 40 13.05 -15.49 14.53
CA SER A 40 12.36 -16.72 14.17
C SER A 40 12.09 -17.50 15.43
N LYS A 41 12.94 -17.24 16.43
CA LYS A 41 12.91 -17.88 17.74
C LYS A 41 11.64 -17.50 18.54
N ASP A 42 10.46 -17.80 18.00
CA ASP A 42 9.21 -17.43 18.67
C ASP A 42 8.00 -17.76 17.81
N GLN A 43 8.18 -17.70 16.50
CA GLN A 43 7.09 -17.94 15.57
C GLN A 43 6.69 -19.41 15.42
N ASP A 44 5.98 -19.70 14.35
CA ASP A 44 5.50 -21.05 14.05
C ASP A 44 5.76 -21.29 12.55
N PHE A 45 7.01 -21.51 12.16
CA PHE A 45 7.34 -21.71 10.74
C PHE A 45 6.90 -23.06 10.23
N ASN A 46 7.23 -23.34 8.97
CA ASN A 46 6.89 -24.61 8.35
C ASN A 46 7.81 -24.83 7.14
N PRO A 47 8.14 -26.10 6.88
CA PRO A 47 9.01 -26.50 5.75
C PRO A 47 8.45 -26.12 4.36
N ALA A 48 7.88 -27.09 3.64
CA ALA A 48 7.35 -26.89 2.28
C ALA A 48 8.53 -26.72 1.33
N VAL A 49 9.21 -25.59 1.48
CA VAL A 49 10.40 -25.27 0.73
C VAL A 49 11.37 -24.68 1.75
N PRO A 50 12.61 -25.15 1.72
CA PRO A 50 13.70 -24.74 2.60
C PRO A 50 13.94 -23.25 2.66
N LEU A 51 14.71 -22.86 3.65
CA LEU A 51 15.08 -21.47 3.84
C LEU A 51 16.52 -21.32 3.34
N ALA A 52 16.67 -21.52 2.03
CA ALA A 52 17.96 -21.44 1.38
C ALA A 52 18.63 -20.06 1.45
N GLU A 53 19.75 -20.02 2.16
CA GLU A 53 20.55 -18.80 2.35
C GLU A 53 19.81 -17.52 2.73
N ASN A 54 19.47 -16.68 1.74
CA ASN A 54 18.76 -15.45 2.02
C ASN A 54 17.70 -15.10 1.00
N PHE A 55 17.18 -16.07 0.28
CA PHE A 55 16.15 -15.77 -0.74
C PHE A 55 14.80 -15.70 -0.10
N CYS A 56 14.03 -14.69 -0.51
CA CYS A 56 12.66 -14.48 -0.02
C CYS A 56 11.98 -15.84 0.12
N ARG A 57 11.34 -16.10 1.26
CA ARG A 57 10.62 -17.37 1.44
C ARG A 57 9.31 -17.09 2.19
N ASN A 58 8.36 -18.01 2.18
CA ASN A 58 7.11 -17.80 2.91
C ASN A 58 6.97 -18.94 3.96
N PRO A 59 8.01 -19.12 4.78
CA PRO A 59 7.97 -20.19 5.78
C PRO A 59 6.71 -20.23 6.65
N ASP A 60 6.34 -19.11 7.26
CA ASP A 60 5.17 -19.11 8.12
C ASP A 60 3.86 -19.31 7.35
N GLY A 61 3.91 -19.35 6.02
CA GLY A 61 2.70 -19.52 5.25
C GLY A 61 1.94 -18.21 5.20
N ASP A 62 2.67 -17.11 5.35
CA ASP A 62 2.07 -15.79 5.34
C ASP A 62 1.34 -15.55 4.05
N GLU A 63 0.04 -15.31 4.16
CA GLU A 63 -0.76 -15.09 2.97
C GLU A 63 -0.53 -13.81 2.17
N GLU A 64 0.30 -12.89 2.64
CA GLU A 64 0.51 -11.71 1.81
C GLU A 64 1.73 -11.97 0.96
N GLY A 65 2.37 -13.10 1.15
CA GLY A 65 3.52 -13.37 0.32
C GLY A 65 4.84 -13.54 1.01
N ALA A 66 5.82 -14.01 0.24
CA ALA A 66 7.17 -14.25 0.68
C ALA A 66 7.90 -12.93 1.06
N TRP A 67 8.73 -13.01 2.09
CA TRP A 67 9.43 -11.85 2.61
C TRP A 67 10.88 -12.19 2.97
N CYS A 68 11.65 -11.13 3.23
CA CYS A 68 13.06 -11.19 3.68
C CYS A 68 13.03 -10.58 5.07
N TYR A 69 14.14 -10.73 5.80
CA TYR A 69 14.29 -10.07 7.09
C TYR A 69 15.25 -8.91 6.71
N VAL A 70 14.96 -7.68 7.10
CA VAL A 70 15.87 -6.61 6.72
C VAL A 70 16.85 -6.24 7.81
N ALA A 71 16.45 -6.35 9.07
CA ALA A 71 17.34 -6.00 10.16
C ALA A 71 17.10 -6.91 11.34
N ASP A 72 17.33 -6.43 12.56
CA ASP A 72 17.15 -7.27 13.75
C ASP A 72 15.94 -7.01 14.66
N GLN A 73 15.53 -5.75 14.80
CA GLN A 73 14.41 -5.41 15.68
C GLN A 73 13.10 -5.94 15.18
N PRO A 74 12.07 -5.95 16.04
CA PRO A 74 10.77 -6.45 15.60
C PRO A 74 10.20 -5.60 14.47
N GLY A 75 9.53 -6.29 13.56
CA GLY A 75 8.90 -5.60 12.45
C GLY A 75 9.85 -5.10 11.37
N ASP A 76 11.11 -5.46 11.51
CA ASP A 76 12.09 -5.03 10.55
C ASP A 76 12.17 -5.90 9.29
N PHE A 77 11.15 -6.69 8.99
CA PHE A 77 11.17 -7.50 7.77
C PHE A 77 10.38 -6.75 6.70
N GLU A 78 10.32 -7.27 5.49
CA GLU A 78 9.59 -6.61 4.40
C GLU A 78 9.26 -7.71 3.41
N TYR A 79 8.16 -7.52 2.68
CA TYR A 79 7.69 -8.47 1.67
C TYR A 79 8.51 -8.40 0.36
N CYS A 80 8.28 -9.37 -0.53
CA CYS A 80 8.94 -9.41 -1.82
C CYS A 80 7.94 -9.22 -2.95
N ASP A 81 8.43 -8.60 -4.02
CA ASP A 81 7.62 -8.34 -5.19
C ASP A 81 7.82 -9.58 -6.06
N LEU A 82 7.28 -10.71 -5.61
CA LEU A 82 7.43 -11.98 -6.29
C LEU A 82 6.62 -12.18 -7.57
N ASN A 83 5.61 -11.36 -7.80
CA ASN A 83 4.77 -11.47 -9.00
C ASN A 83 3.84 -12.67 -8.88
N TYR A 84 2.97 -12.60 -7.88
CA TYR A 84 2.03 -13.67 -7.59
C TYR A 84 0.89 -13.72 -8.62
N CYS A 85 0.22 -14.87 -8.68
CA CYS A 85 -0.87 -15.13 -9.62
C CYS A 85 -2.18 -14.38 -9.42
N GLU A 86 -2.97 -14.85 -8.48
CA GLU A 86 -4.25 -14.24 -8.19
C GLU A 86 -4.24 -13.46 -6.89
N GLU A 87 -5.19 -12.55 -6.76
CA GLU A 87 -5.28 -11.73 -5.57
C GLU A 87 -5.56 -12.67 -4.41
N PRO A 88 -5.12 -12.30 -3.19
CA PRO A 88 -5.30 -13.12 -1.98
C PRO A 88 -6.75 -13.35 -1.57
N VAL A 89 -6.95 -14.37 -0.74
CA VAL A 89 -8.25 -14.77 -0.24
C VAL A 89 -8.86 -13.78 0.75
N ASP A 90 -10.19 -13.85 0.88
CA ASP A 90 -10.92 -13.01 1.82
C ASP A 90 -11.80 -13.93 2.65
N GLY A 91 -11.18 -14.54 3.66
CA GLY A 91 -11.85 -15.46 4.55
C GLY A 91 -12.80 -14.77 5.51
N ASP A 92 -14.09 -14.92 5.20
CA ASP A 92 -15.18 -14.33 5.95
C ASP A 92 -15.08 -14.51 7.48
N LEU A 93 -14.41 -13.56 8.13
CA LEU A 93 -14.28 -13.56 9.60
C LEU A 93 -13.66 -14.86 10.12
N GLY A 94 -14.50 -15.70 10.72
CA GLY A 94 -14.02 -16.95 11.27
C GLY A 94 -14.02 -17.99 10.18
N ASP A 95 -13.65 -17.56 8.98
CA ASP A 95 -13.60 -18.44 7.83
C ASP A 95 -12.23 -19.07 7.78
N ARG A 96 -11.22 -18.33 8.26
CA ARG A 96 -9.85 -18.84 8.30
C ARG A 96 -9.63 -19.39 9.69
N LEU A 97 -9.51 -20.71 9.78
CA LEU A 97 -9.35 -21.43 11.05
C LEU A 97 -8.41 -20.88 12.13
N GLY A 98 -7.11 -21.10 11.95
CA GLY A 98 -6.17 -20.69 12.96
C GLY A 98 -6.27 -21.78 14.01
N GLU A 99 -5.95 -23.02 13.62
CA GLU A 99 -5.97 -24.18 14.51
C GLU A 99 -5.08 -23.85 15.69
N ASP A 100 -5.70 -23.36 16.76
CA ASP A 100 -5.04 -22.92 17.98
C ASP A 100 -4.38 -23.91 18.96
N PRO A 101 -3.52 -23.37 19.84
CA PRO A 101 -2.76 -24.07 20.87
C PRO A 101 -3.18 -25.44 21.34
N ASP A 102 -2.15 -26.20 21.72
CA ASP A 102 -2.27 -27.55 22.24
C ASP A 102 -1.91 -27.43 23.71
N PRO A 103 -2.16 -28.48 24.50
CA PRO A 103 -1.82 -28.38 25.92
C PRO A 103 -0.29 -28.50 26.07
N ASP A 104 0.43 -27.62 25.38
CA ASP A 104 1.90 -27.58 25.37
C ASP A 104 2.56 -28.80 24.67
N ALA A 105 1.75 -29.54 23.92
CA ALA A 105 2.19 -30.72 23.15
C ALA A 105 1.14 -30.84 22.04
N ALA A 106 1.62 -30.87 20.79
CA ALA A 106 0.78 -30.94 19.58
C ALA A 106 -0.15 -32.14 19.44
N ILE A 107 -1.41 -31.85 19.13
CA ILE A 107 -2.48 -32.85 18.97
C ILE A 107 -3.09 -33.24 20.32
N GLU A 108 -4.34 -32.84 20.54
CA GLU A 108 -5.01 -33.14 21.80
C GLU A 108 -5.44 -34.60 21.96
N GLY A 109 -6.59 -34.94 21.41
CA GLY A 109 -7.10 -36.29 21.51
C GLY A 109 -7.54 -36.64 22.93
N ARG A 110 -6.57 -36.97 23.79
CA ARG A 110 -6.86 -37.30 25.18
C ARG A 110 -7.00 -35.99 25.96
N THR A 111 -8.07 -35.24 25.68
CA THR A 111 -8.29 -33.95 26.34
C THR A 111 -9.54 -33.92 27.22
N SER A 112 -9.34 -33.76 28.53
CA SER A 112 -10.44 -33.70 29.49
C SER A 112 -10.05 -32.85 30.71
N GLU A 113 -11.04 -32.16 31.28
CA GLU A 113 -10.83 -31.29 32.45
C GLU A 113 -12.14 -31.21 33.23
N ASP A 114 -12.23 -30.24 34.14
CA ASP A 114 -13.45 -30.03 34.91
C ASP A 114 -14.48 -29.36 33.99
N HIS A 115 -14.32 -28.05 33.80
CA HIS A 115 -15.23 -27.28 32.97
C HIS A 115 -14.62 -26.02 32.35
N PHE A 116 -13.30 -25.92 32.35
CA PHE A 116 -12.66 -24.75 31.78
C PHE A 116 -11.47 -25.11 30.89
N GLN A 117 -10.40 -25.61 31.52
CA GLN A 117 -9.17 -26.01 30.83
C GLN A 117 -8.19 -24.88 30.56
N PRO A 118 -7.08 -24.88 31.29
CA PRO A 118 -6.06 -23.86 31.14
C PRO A 118 -5.20 -24.27 29.97
N PHE A 119 -4.37 -23.35 29.48
CA PHE A 119 -3.46 -23.64 28.39
C PHE A 119 -2.13 -22.93 28.64
N PHE A 120 -1.91 -22.45 29.87
CA PHE A 120 -0.69 -21.70 30.16
C PHE A 120 0.33 -22.19 31.20
N ASN A 121 0.17 -23.40 31.71
CA ASN A 121 1.13 -23.95 32.68
C ASN A 121 1.17 -23.52 34.16
N GLU A 122 0.66 -22.32 34.46
CA GLU A 122 0.63 -21.81 35.83
C GLU A 122 1.99 -21.38 36.37
N LYS A 123 3.00 -22.23 36.22
CA LYS A 123 4.34 -21.93 36.71
C LYS A 123 4.79 -20.55 36.22
N THR A 124 4.69 -20.32 34.90
CA THR A 124 5.10 -19.05 34.29
C THR A 124 3.95 -18.06 34.08
N PHE A 125 2.84 -18.55 33.54
CA PHE A 125 1.71 -17.67 33.26
C PHE A 125 1.29 -16.90 34.49
N GLY A 126 1.37 -17.56 35.63
CA GLY A 126 1.00 -16.93 36.88
C GLY A 126 -0.26 -17.50 37.48
N ALA A 127 -1.17 -16.63 37.91
CA ALA A 127 -2.40 -17.11 38.56
C ALA A 127 -3.68 -16.40 38.12
N GLY A 128 -4.79 -17.11 38.17
CA GLY A 128 -6.05 -16.53 37.78
C GLY A 128 -6.70 -17.14 36.55
N GLU A 129 -6.00 -17.96 35.77
CA GLU A 129 -6.64 -18.50 34.58
C GLU A 129 -7.95 -19.25 34.90
N ALA A 130 -7.81 -20.32 35.69
CA ALA A 130 -8.89 -21.20 36.10
C ALA A 130 -10.24 -20.54 36.26
N ASP A 131 -10.26 -19.32 36.78
CA ASP A 131 -11.51 -18.64 36.99
C ASP A 131 -11.51 -17.25 36.32
N CYS A 132 -10.94 -17.16 35.11
CA CYS A 132 -10.92 -15.86 34.44
C CYS A 132 -12.30 -15.60 33.91
N GLY A 133 -12.52 -14.42 33.39
CA GLY A 133 -13.83 -14.11 32.86
C GLY A 133 -14.92 -13.82 33.90
N LEU A 134 -14.86 -14.48 35.05
CA LEU A 134 -15.84 -14.32 36.10
C LEU A 134 -15.60 -13.05 36.96
N ARG A 135 -16.20 -11.95 36.54
CA ARG A 135 -16.03 -10.74 37.31
C ARG A 135 -16.70 -10.95 38.65
N PRO A 136 -16.00 -10.62 39.75
CA PRO A 136 -16.35 -10.70 41.17
C PRO A 136 -17.68 -10.02 41.61
N LEU A 137 -17.87 -8.76 41.23
CA LEU A 137 -19.08 -8.03 41.62
C LEU A 137 -20.27 -8.29 40.72
N PHE A 138 -20.08 -9.26 39.83
CA PHE A 138 -21.11 -9.67 38.85
C PHE A 138 -21.32 -11.19 38.72
N GLU A 139 -20.59 -11.83 37.81
CA GLU A 139 -20.78 -13.25 37.61
C GLU A 139 -20.69 -14.03 38.88
N LYS A 140 -19.70 -13.74 39.72
CA LYS A 140 -19.55 -14.47 40.98
C LYS A 140 -20.64 -14.03 41.95
N LYS A 141 -20.99 -12.75 41.86
CA LYS A 141 -22.00 -12.17 42.71
C LYS A 141 -23.35 -12.25 42.03
N GLN A 142 -23.46 -13.15 41.06
CA GLN A 142 -24.70 -13.38 40.32
C GLN A 142 -25.60 -12.20 40.03
N VAL A 143 -25.01 -11.05 39.70
CA VAL A 143 -25.78 -9.84 39.35
C VAL A 143 -25.36 -9.45 37.93
N GLN A 144 -26.32 -9.03 37.10
CA GLN A 144 -26.00 -8.67 35.72
C GLN A 144 -25.55 -7.23 35.63
N ASP A 145 -24.75 -6.93 34.61
CA ASP A 145 -24.30 -5.55 34.44
C ASP A 145 -25.17 -4.81 33.37
N GLN A 146 -25.49 -3.54 33.62
CA GLN A 146 -26.36 -2.73 32.75
C GLN A 146 -26.70 -3.10 31.27
N THR A 147 -25.70 -3.31 30.43
CA THR A 147 -26.00 -3.61 29.05
C THR A 147 -25.76 -5.03 28.60
N GLU A 148 -25.29 -5.88 29.50
CA GLU A 148 -25.00 -7.28 29.14
C GLU A 148 -26.12 -7.78 28.27
N LYS A 149 -27.33 -7.53 28.75
CA LYS A 149 -28.57 -7.94 28.08
C LYS A 149 -28.50 -7.73 26.56
N GLU A 150 -28.01 -6.56 26.18
CA GLU A 150 -27.86 -6.09 24.81
C GLU A 150 -26.84 -6.86 24.04
N LEU A 151 -25.75 -7.18 24.73
CA LEU A 151 -24.66 -7.94 24.13
C LEU A 151 -25.26 -9.30 23.78
N PHE A 152 -26.08 -9.80 24.69
CA PHE A 152 -26.76 -11.08 24.55
C PHE A 152 -27.78 -11.19 23.42
N GLU A 153 -28.74 -10.27 23.34
CA GLU A 153 -29.74 -10.29 22.28
C GLU A 153 -29.09 -10.45 20.89
N SER A 154 -27.84 -10.04 20.76
CA SER A 154 -27.14 -10.13 19.48
C SER A 154 -26.91 -11.56 19.06
N TYR A 155 -26.34 -12.32 19.97
CA TYR A 155 -25.99 -13.69 19.72
C TYR A 155 -26.93 -14.59 18.96
N ILE A 156 -27.95 -14.91 19.66
CA ILE A 156 -28.87 -15.86 19.18
C ILE A 156 -29.75 -15.28 17.85
N GLU A 157 -29.70 -13.94 17.67
CA GLU A 157 -30.40 -13.10 16.60
C GLU A 157 -31.82 -12.51 16.90
N GLY A 158 -32.15 -11.40 16.21
CA GLY A 158 -33.45 -10.77 16.35
C GLY A 158 -34.35 -10.81 15.13
N ARG A 159 -33.81 -11.36 14.06
CA ARG A 159 -34.52 -11.50 12.79
C ARG A 159 -34.88 -12.96 12.57
N ILE B 1 -13.10 6.33 23.76
CA ILE B 1 -14.35 5.72 23.23
C ILE B 1 -15.46 6.73 22.94
N VAL B 2 -15.75 6.85 21.64
CA VAL B 2 -16.75 7.74 21.04
C VAL B 2 -18.20 7.24 21.26
N GLU B 3 -19.11 8.18 21.44
CA GLU B 3 -20.51 7.83 21.64
C GLU B 3 -20.78 6.68 22.60
N GLY B 4 -19.93 6.50 23.58
CA GLY B 4 -20.17 5.44 24.54
C GLY B 4 -20.59 6.05 25.87
N GLN B 5 -21.14 5.23 26.75
CA GLN B 5 -21.57 5.69 28.07
C GLN B 5 -20.51 5.36 29.12
N ASP B 6 -20.66 5.95 30.30
CA ASP B 6 -19.74 5.71 31.42
C ASP B 6 -19.76 4.26 31.79
N ALA B 7 -18.68 3.78 32.37
CA ALA B 7 -18.61 2.40 32.81
C ALA B 7 -18.95 2.35 34.32
N GLU B 8 -19.49 1.20 34.74
CA GLU B 8 -19.88 0.96 36.11
C GLU B 8 -18.68 0.58 36.94
N VAL B 9 -18.59 1.11 38.16
CA VAL B 9 -17.49 0.76 39.03
C VAL B 9 -17.47 -0.74 39.19
N GLY B 10 -16.37 -1.36 38.76
CA GLY B 10 -16.26 -2.79 38.93
C GLY B 10 -16.53 -3.58 37.70
N LEU B 11 -17.10 -2.95 36.68
CA LEU B 11 -17.41 -3.64 35.42
C LEU B 11 -16.29 -4.46 34.82
N SER B 12 -15.44 -3.88 33.97
CA SER B 12 -14.31 -4.64 33.37
C SER B 12 -13.02 -4.66 34.24
N PRO B 13 -12.88 -5.65 35.17
CA PRO B 13 -11.69 -5.74 36.03
C PRO B 13 -10.37 -6.16 35.41
N TRP B 14 -10.29 -6.29 34.08
CA TRP B 14 -9.03 -6.67 33.40
C TRP B 14 -8.53 -5.43 32.65
N GLN B 15 -9.32 -4.36 32.75
CA GLN B 15 -9.00 -3.11 32.10
C GLN B 15 -7.80 -2.45 32.74
N VAL B 16 -6.66 -2.60 32.08
CA VAL B 16 -5.40 -2.01 32.50
C VAL B 16 -5.18 -0.67 31.82
N MET B 17 -4.45 0.21 32.50
CA MET B 17 -4.14 1.52 31.99
C MET B 17 -2.62 1.52 31.92
N LEU B 18 -2.07 1.76 30.74
CA LEU B 18 -0.64 1.77 30.54
C LEU B 18 -0.16 3.17 30.26
N PHE B 19 0.57 3.77 31.17
CA PHE B 19 1.03 5.12 30.91
C PHE B 19 2.47 5.46 31.32
N ARG B 20 3.17 6.23 30.47
CA ARG B 20 4.55 6.64 30.67
C ARG B 20 4.77 7.57 31.87
N LYS B 21 5.84 7.30 32.65
CA LYS B 21 6.13 8.04 33.86
C LYS B 21 6.59 9.49 33.85
N SER B 22 7.35 9.90 32.85
CA SER B 22 7.78 11.29 32.82
C SER B 22 8.02 11.74 31.41
N PRO B 23 7.14 12.63 30.92
CA PRO B 23 6.00 13.19 31.69
C PRO B 23 4.89 12.15 32.01
N GLN B 24 4.08 12.44 33.02
CA GLN B 24 2.99 11.51 33.33
C GLN B 24 2.00 11.73 32.17
N GLU B 25 1.73 10.66 31.40
CA GLU B 25 0.88 10.77 30.21
C GLU B 25 0.24 9.41 29.89
N LEU B 26 -1.08 9.40 29.65
CA LEU B 26 -1.83 8.18 29.34
C LEU B 26 -1.57 7.74 27.91
N LEU B 27 -0.87 6.62 27.73
CA LEU B 27 -0.54 6.14 26.39
C LEU B 27 -1.57 5.29 25.68
N CYS B 28 -1.93 4.20 26.31
CA CYS B 28 -2.93 3.28 25.76
C CYS B 28 -3.55 2.59 26.93
N GLY B 29 -4.13 1.44 26.67
CA GLY B 29 -4.74 0.65 27.72
C GLY B 29 -4.28 -0.80 27.55
N ALA B 30 -4.94 -1.72 28.25
CA ALA B 30 -4.53 -3.09 28.11
C ALA B 30 -5.41 -3.95 28.97
N SER B 31 -5.17 -5.26 28.93
CA SER B 31 -5.91 -6.25 29.73
C SER B 31 -5.01 -7.12 30.61
N LEU B 32 -5.43 -7.33 31.86
CA LEU B 32 -4.67 -8.22 32.73
C LEU B 32 -5.13 -9.63 32.24
N ILE B 33 -4.22 -10.55 31.94
CA ILE B 33 -4.70 -11.88 31.51
C ILE B 33 -4.41 -12.98 32.54
N SER B 34 -3.58 -12.65 33.52
CA SER B 34 -3.20 -13.56 34.58
C SER B 34 -2.71 -12.61 35.67
N ASP B 35 -2.16 -13.13 36.74
CA ASP B 35 -1.72 -12.24 37.80
C ASP B 35 -0.46 -11.48 37.46
N ARG B 36 0.35 -11.99 36.52
CA ARG B 36 1.61 -11.31 36.18
C ARG B 36 1.91 -10.80 34.79
N TRP B 37 1.20 -11.27 33.75
CA TRP B 37 1.39 -10.82 32.36
C TRP B 37 0.27 -9.93 31.86
N VAL B 38 0.58 -8.97 31.00
CA VAL B 38 -0.43 -8.04 30.47
C VAL B 38 -0.43 -7.97 28.94
N LEU B 39 -1.61 -7.91 28.34
CA LEU B 39 -1.67 -7.81 26.88
C LEU B 39 -1.95 -6.35 26.46
N THR B 40 -1.32 -5.87 25.38
CA THR B 40 -1.55 -4.51 24.88
C THR B 40 -1.13 -4.43 23.43
N ALA B 41 -1.60 -3.37 22.76
CA ALA B 41 -1.32 -3.14 21.35
C ALA B 41 0.13 -2.72 21.17
N ALA B 42 0.88 -3.51 20.40
CA ALA B 42 2.30 -3.23 20.19
C ALA B 42 2.66 -1.83 19.77
N HIS B 43 1.77 -1.17 19.04
CA HIS B 43 2.09 0.17 18.56
C HIS B 43 2.14 1.18 19.67
N CYS B 44 1.80 0.75 20.86
CA CYS B 44 1.80 1.64 22.00
C CYS B 44 3.17 1.81 22.56
N LEU B 45 4.02 0.85 22.25
CA LEU B 45 5.37 0.85 22.74
C LEU B 45 6.37 1.22 21.65
N LEU B 46 6.04 0.97 20.38
CA LEU B 46 6.97 1.23 19.28
C LEU B 46 6.36 1.48 17.93
N TYR B 47 6.73 2.62 17.35
CA TYR B 47 6.27 3.01 16.01
C TYR B 47 7.30 3.87 15.30
N PRO B 48 8.33 3.24 14.72
CA PRO B 48 9.42 3.88 14.00
C PRO B 48 9.21 5.19 13.21
N PRO B 49 8.22 5.27 12.30
CA PRO B 49 8.06 6.52 11.57
C PRO B 49 7.67 7.78 12.35
N TRP B 50 7.23 7.60 13.58
CA TRP B 50 6.83 8.74 14.38
C TRP B 50 7.84 8.87 15.47
N ASP B 51 8.90 8.07 15.38
CA ASP B 51 9.98 8.01 16.38
C ASP B 51 9.57 7.52 17.77
N LYS B 52 8.61 6.59 17.84
CA LYS B 52 8.13 6.04 19.10
C LYS B 52 8.89 4.79 19.46
N ASN B 53 9.46 4.76 20.66
CA ASN B 53 10.20 3.59 21.14
C ASN B 53 10.53 3.66 22.61
N PHE B 54 9.54 3.42 23.46
CA PHE B 54 9.72 3.42 24.92
C PHE B 54 10.36 2.12 25.37
N THR B 55 11.09 2.17 26.47
CA THR B 55 11.64 0.94 27.01
C THR B 55 10.97 0.77 28.40
N VAL B 56 11.27 -0.33 29.08
CA VAL B 56 10.71 -0.58 30.41
C VAL B 56 10.79 0.58 31.44
N ASP B 57 11.95 1.22 31.56
CA ASP B 57 12.16 2.29 32.52
C ASP B 57 11.30 3.50 32.21
N ASP B 58 10.80 3.52 30.98
CA ASP B 58 9.98 4.61 30.48
C ASP B 58 8.53 4.66 30.95
N LEU B 59 7.94 3.50 31.19
CA LEU B 59 6.55 3.52 31.53
C LEU B 59 6.12 2.49 32.51
N LEU B 60 5.15 2.89 33.32
CA LEU B 60 4.56 2.04 34.34
C LEU B 60 3.13 1.68 33.91
N VAL B 61 2.46 0.86 34.72
CA VAL B 61 1.11 0.37 34.44
C VAL B 61 0.26 0.73 35.66
N ARG B 62 -1.07 0.79 35.48
CA ARG B 62 -2.05 1.10 36.55
C ARG B 62 -3.31 0.20 36.50
N ILE B 63 -3.36 -0.87 37.27
CA ILE B 63 -4.54 -1.75 37.27
C ILE B 63 -5.60 -1.44 38.35
N GLY B 64 -6.86 -1.70 38.01
CA GLY B 64 -7.99 -1.49 38.93
C GLY B 64 -8.56 -0.10 39.11
N LYS B 65 -8.85 0.63 38.03
CA LYS B 65 -9.35 1.99 38.20
C LYS B 65 -10.75 2.28 37.70
N HIS B 66 -11.08 3.56 37.73
CA HIS B 66 -12.34 4.06 37.23
C HIS B 66 -12.03 5.40 36.56
N SER B 67 -11.75 6.45 37.34
CA SER B 67 -11.44 7.74 36.70
C SER B 67 -10.00 7.77 36.18
N ARG B 68 -9.84 8.16 34.90
CA ARG B 68 -8.52 8.22 34.25
C ARG B 68 -7.64 9.27 34.90
N THR B 69 -8.13 9.75 36.04
CA THR B 69 -7.44 10.69 36.89
C THR B 69 -8.18 10.72 38.22
N ARG B 70 -7.36 10.78 39.28
CA ARG B 70 -7.68 10.82 40.73
C ARG B 70 -7.16 9.55 41.39
N TYR B 71 -6.08 9.65 42.18
CA TYR B 71 -5.52 8.44 42.82
C TYR B 71 -6.60 7.79 43.62
N GLU B 72 -7.03 6.62 43.20
CA GLU B 72 -8.06 5.93 43.92
C GLU B 72 -7.41 5.09 45.00
N ARG B 73 -6.94 5.87 45.97
CA ARG B 73 -6.21 5.47 47.18
C ARG B 73 -6.35 4.03 47.63
N LYS B 74 -7.54 3.47 47.51
CA LYS B 74 -7.75 2.12 47.93
C LYS B 74 -7.56 1.08 46.85
N VAL B 75 -8.44 1.11 45.86
CA VAL B 75 -8.49 0.13 44.77
C VAL B 75 -7.39 -0.10 43.66
N GLU B 76 -6.63 0.93 43.31
CA GLU B 76 -5.61 0.80 42.28
C GLU B 76 -4.43 -0.08 42.70
N LYS B 77 -3.51 -0.26 41.75
CA LYS B 77 -2.27 -1.03 41.91
C LYS B 77 -1.19 -0.64 40.88
N ILE B 78 -0.60 0.53 41.08
CA ILE B 78 0.47 1.06 40.26
C ILE B 78 1.60 0.05 40.26
N SER B 79 2.13 -0.34 39.11
CA SER B 79 3.25 -1.28 39.09
C SER B 79 4.15 -1.16 37.86
N MET B 80 5.45 -1.40 38.06
CA MET B 80 6.41 -1.28 36.98
C MET B 80 6.47 -2.48 36.05
N LEU B 81 7.07 -2.27 34.88
CA LEU B 81 7.18 -3.33 33.90
C LEU B 81 8.51 -4.00 34.07
N ASP B 82 8.65 -5.10 33.34
CA ASP B 82 9.86 -5.92 33.34
C ASP B 82 10.24 -6.38 31.94
N LYS B 83 9.31 -7.05 31.25
CA LYS B 83 9.58 -7.61 29.93
C LYS B 83 9.35 -6.89 28.62
N ILE B 84 8.10 -6.59 28.28
CA ILE B 84 7.82 -5.93 26.99
C ILE B 84 8.20 -6.74 25.75
N TYR B 85 7.32 -7.64 25.32
CA TYR B 85 7.57 -8.39 24.09
C TYR B 85 6.68 -7.92 22.93
N ILE B 86 7.33 -7.45 21.86
CA ILE B 86 6.64 -6.98 20.66
C ILE B 86 6.80 -8.15 19.67
N HIS B 87 5.89 -8.35 18.73
CA HIS B 87 5.98 -9.49 17.78
C HIS B 87 7.09 -9.24 16.74
N PRO B 88 7.91 -10.25 16.45
CA PRO B 88 8.98 -10.07 15.48
C PRO B 88 8.50 -9.58 14.12
N ARG B 89 7.23 -9.82 13.81
CA ARG B 89 6.71 -9.40 12.53
C ARG B 89 5.51 -8.50 12.68
N TYR B 90 5.63 -7.54 13.58
CA TYR B 90 4.59 -6.57 13.84
C TYR B 90 4.86 -5.60 12.72
N ASN B 91 4.27 -5.85 11.55
CA ASN B 91 4.43 -5.01 10.33
C ASN B 91 4.09 -3.53 10.56
N TRP B 92 5.06 -2.79 11.07
CA TRP B 92 4.88 -1.37 11.39
C TRP B 92 5.16 -0.48 10.22
N LYS B 93 5.72 -1.06 9.18
CA LYS B 93 5.98 -0.27 8.01
C LYS B 93 4.66 -0.11 7.21
N GLU B 94 3.85 -1.16 7.12
CA GLU B 94 2.70 -1.00 6.29
C GLU B 94 1.30 -0.92 6.85
N ASN B 95 0.90 -1.93 7.60
CA ASN B 95 -0.46 -1.94 8.10
C ASN B 95 -0.74 -2.54 9.48
N LEU B 96 0.16 -2.33 10.46
CA LEU B 96 0.01 -2.81 11.85
C LEU B 96 -0.48 -4.23 12.00
N ASP B 97 -0.02 -5.07 11.08
CA ASP B 97 -0.36 -6.48 11.04
C ASP B 97 0.34 -7.15 12.24
N ARG B 98 -0.44 -7.66 13.18
CA ARG B 98 0.09 -8.26 14.42
C ARG B 98 0.41 -7.06 15.29
N ASP B 99 -0.62 -6.33 15.76
CA ASP B 99 -0.40 -5.16 16.61
C ASP B 99 -0.35 -5.66 18.04
N ILE B 100 0.20 -6.85 18.23
CA ILE B 100 0.25 -7.41 19.56
C ILE B 100 1.59 -7.30 20.26
N ALA B 101 1.53 -6.97 21.54
CA ALA B 101 2.67 -6.86 22.44
C ALA B 101 2.43 -7.85 23.61
N LEU B 102 3.10 -7.64 24.75
CA LEU B 102 2.90 -8.53 25.88
C LEU B 102 3.82 -8.14 27.01
N LEU B 103 3.34 -7.24 27.87
CA LEU B 103 4.09 -6.77 29.03
C LEU B 103 4.11 -7.78 30.19
N LYS B 104 4.99 -7.54 31.16
CA LYS B 104 5.10 -8.39 32.34
C LYS B 104 5.25 -7.50 33.56
N LEU B 105 4.47 -7.74 34.59
CA LEU B 105 4.59 -6.91 35.76
C LEU B 105 5.93 -7.24 36.42
N LYS B 106 6.46 -6.34 37.27
CA LYS B 106 7.73 -6.64 37.94
C LYS B 106 7.54 -7.75 38.98
N ARG B 107 6.46 -7.64 39.73
CA ARG B 107 6.12 -8.63 40.73
C ARG B 107 4.64 -8.90 40.56
N PRO B 108 4.25 -10.17 40.66
CA PRO B 108 2.84 -10.52 40.49
C PRO B 108 1.95 -9.63 41.33
N ILE B 109 1.00 -8.97 40.67
CA ILE B 109 0.03 -8.09 41.31
C ILE B 109 -0.87 -9.05 42.05
N GLU B 110 -1.67 -8.56 42.97
CA GLU B 110 -2.57 -9.43 43.74
C GLU B 110 -3.96 -9.19 43.21
N LEU B 111 -4.80 -10.23 43.11
CA LEU B 111 -6.19 -10.07 42.61
C LEU B 111 -7.09 -9.39 43.62
N SER B 112 -8.23 -8.88 43.13
CA SER B 112 -9.21 -8.19 43.96
C SER B 112 -10.61 -8.23 43.28
N ASP B 113 -11.59 -7.48 43.81
CA ASP B 113 -12.92 -7.48 43.21
C ASP B 113 -12.90 -6.52 42.04
N TYR B 114 -11.83 -5.75 41.94
CA TYR B 114 -11.69 -4.78 40.88
C TYR B 114 -10.55 -5.17 39.97
N ILE B 115 -9.75 -6.13 40.39
CA ILE B 115 -8.62 -6.55 39.58
C ILE B 115 -8.76 -8.05 39.30
N HIS B 116 -9.16 -8.37 38.09
CA HIS B 116 -9.36 -9.76 37.73
C HIS B 116 -9.05 -10.00 36.24
N PRO B 117 -8.41 -11.14 35.91
CA PRO B 117 -8.04 -11.51 34.56
C PRO B 117 -9.18 -11.92 33.64
N VAL B 118 -9.11 -11.47 32.39
CA VAL B 118 -10.08 -11.77 31.36
C VAL B 118 -9.64 -13.14 30.84
N CYS B 119 -10.32 -13.71 29.83
CA CYS B 119 -9.90 -15.03 29.31
C CYS B 119 -9.44 -14.96 27.86
N LEU B 120 -8.39 -15.70 27.52
CA LEU B 120 -7.88 -15.75 26.15
C LEU B 120 -8.70 -16.86 25.46
N PRO B 121 -9.46 -16.50 24.41
CA PRO B 121 -10.30 -17.47 23.72
C PRO B 121 -9.57 -18.71 23.27
N ASP B 122 -10.35 -19.77 23.13
CA ASP B 122 -9.89 -21.05 22.65
C ASP B 122 -10.64 -21.30 21.35
N LYS B 123 -10.09 -22.19 20.53
CA LYS B 123 -10.65 -22.52 19.24
C LYS B 123 -12.15 -22.76 19.28
N GLN B 124 -12.60 -23.61 20.19
CA GLN B 124 -14.01 -23.88 20.27
C GLN B 124 -14.88 -22.62 20.40
N THR B 125 -14.86 -21.93 21.56
CA THR B 125 -15.69 -20.73 21.75
C THR B 125 -15.34 -19.70 20.70
N ALA B 126 -14.12 -19.78 20.18
CA ALA B 126 -13.70 -18.83 19.17
C ALA B 126 -14.52 -19.04 17.89
N ALA B 127 -14.96 -20.27 17.64
CA ALA B 127 -15.75 -20.61 16.46
C ALA B 127 -17.15 -20.05 16.53
N LYS B 128 -17.86 -20.48 17.56
CA LYS B 128 -19.25 -20.14 17.88
C LYS B 128 -19.61 -18.63 17.98
N LEU B 129 -18.74 -17.86 18.60
CA LEU B 129 -18.99 -16.44 18.77
C LEU B 129 -18.49 -15.57 17.61
N LEU B 130 -17.46 -15.98 16.87
CA LEU B 130 -16.99 -15.12 15.78
C LEU B 130 -17.89 -15.10 14.54
N HIS B 131 -19.01 -14.40 14.67
CA HIS B 131 -19.99 -14.29 13.61
C HIS B 131 -20.52 -12.86 13.47
N ALA B 132 -20.48 -12.37 12.23
CA ALA B 132 -20.94 -11.03 11.88
C ALA B 132 -22.35 -10.81 12.36
N GLY B 133 -22.55 -9.76 13.15
CA GLY B 133 -23.86 -9.50 13.69
C GLY B 133 -23.88 -9.56 15.22
N PHE B 134 -23.02 -10.39 15.83
CA PHE B 134 -22.99 -10.47 17.30
C PHE B 134 -22.21 -9.25 17.73
N LYS B 135 -22.46 -8.82 18.96
CA LYS B 135 -21.77 -7.64 19.51
C LYS B 135 -20.66 -7.97 20.53
N GLY B 136 -19.95 -6.93 20.97
CA GLY B 136 -18.86 -7.07 21.93
C GLY B 136 -18.64 -5.77 22.71
N ARG B 137 -17.54 -5.66 23.42
CA ARG B 137 -17.27 -4.42 24.15
C ARG B 137 -15.84 -3.96 24.09
N VAL B 138 -15.68 -2.71 23.70
CA VAL B 138 -14.36 -2.11 23.64
C VAL B 138 -14.37 -0.92 24.63
N THR B 139 -13.57 -1.08 25.68
CA THR B 139 -13.44 -0.08 26.75
C THR B 139 -12.18 0.75 26.78
N GLY B 140 -12.21 1.86 27.51
CA GLY B 140 -11.02 2.68 27.58
C GLY B 140 -11.22 4.14 27.88
N TRP B 141 -10.10 4.86 28.11
CA TRP B 141 -10.14 6.28 28.46
C TRP B 141 -9.72 7.15 27.28
N GLY B 142 -9.67 6.52 26.11
CA GLY B 142 -9.34 7.24 24.90
C GLY B 142 -10.40 8.26 24.58
N ASN B 143 -10.01 9.30 23.86
CA ASN B 143 -10.86 10.45 23.49
C ASN B 143 -12.32 10.20 23.19
N ARG B 144 -13.18 11.06 23.73
CA ARG B 144 -14.60 10.98 23.53
C ARG B 144 -15.00 11.30 22.07
N ARG B 145 -14.72 12.52 21.62
CA ARG B 145 -15.01 12.91 20.25
C ARG B 145 -13.74 12.69 19.42
N GLU B 146 -13.71 13.15 18.18
CA GLU B 146 -12.52 12.94 17.34
C GLU B 146 -11.71 14.21 17.09
N THR B 147 -12.18 15.31 17.64
CA THR B 147 -11.50 16.58 17.51
C THR B 147 -11.84 17.52 18.65
N TRP B 148 -11.18 18.65 18.67
CA TRP B 148 -11.43 19.64 19.70
C TRP B 148 -11.04 20.98 19.14
N THR B 149 -11.58 22.01 19.75
CA THR B 149 -11.29 23.34 19.32
C THR B 149 -9.85 23.70 19.74
N THR B 150 -9.55 23.63 21.03
CA THR B 150 -8.21 23.94 21.56
C THR B 150 -8.05 22.97 22.69
N SER B 151 -6.85 22.51 22.98
CA SER B 151 -6.63 21.53 24.08
C SER B 151 -7.43 20.17 24.04
N VAL B 152 -6.72 19.07 23.80
CA VAL B 152 -7.37 17.78 23.72
C VAL B 152 -7.96 17.48 25.08
N ALA B 153 -7.63 18.31 26.05
CA ALA B 153 -8.17 18.13 27.37
C ALA B 153 -9.70 17.95 27.27
N GLU B 154 -10.36 18.91 26.62
CA GLU B 154 -11.80 18.92 26.42
C GLU B 154 -12.46 17.69 25.76
N VAL B 155 -11.68 16.68 25.37
CA VAL B 155 -12.25 15.49 24.72
C VAL B 155 -11.76 14.18 25.42
N GLN B 156 -11.47 14.27 26.72
CA GLN B 156 -10.99 13.13 27.50
C GLN B 156 -11.97 12.72 28.57
N PRO B 157 -12.61 11.54 28.39
CA PRO B 157 -13.60 10.98 29.30
C PRO B 157 -13.07 11.05 30.67
N SER B 158 -13.96 11.37 31.60
CA SER B 158 -13.62 11.52 33.04
C SER B 158 -13.42 10.16 33.70
N VAL B 159 -14.45 9.33 33.68
CA VAL B 159 -14.38 8.01 34.25
C VAL B 159 -14.05 7.12 33.09
N LEU B 160 -14.21 5.83 33.29
CA LEU B 160 -13.97 4.89 32.21
C LEU B 160 -15.19 5.05 31.29
N GLN B 161 -15.17 4.42 30.14
CA GLN B 161 -16.27 4.54 29.22
C GLN B 161 -16.40 3.14 28.59
N VAL B 162 -17.58 2.86 28.04
CA VAL B 162 -17.86 1.57 27.44
C VAL B 162 -18.83 1.76 26.31
N VAL B 163 -18.76 0.87 25.32
CA VAL B 163 -19.62 0.95 24.16
C VAL B 163 -19.72 -0.47 23.63
N ASN B 164 -20.90 -0.89 23.23
CA ASN B 164 -21.09 -2.25 22.74
C ASN B 164 -21.07 -2.18 21.25
N LEU B 165 -20.11 -2.85 20.65
CA LEU B 165 -19.93 -2.81 19.21
C LEU B 165 -20.12 -4.17 18.56
N PRO B 166 -20.72 -4.20 17.35
CA PRO B 166 -20.99 -5.41 16.55
C PRO B 166 -19.98 -5.75 15.44
N LEU B 167 -19.66 -7.04 15.34
CA LEU B 167 -18.74 -7.57 14.31
C LEU B 167 -19.27 -7.50 12.85
N VAL B 168 -18.46 -6.99 11.92
CA VAL B 168 -18.92 -6.95 10.54
C VAL B 168 -18.31 -8.03 9.69
N GLU B 169 -18.90 -8.15 8.52
CA GLU B 169 -18.54 -9.13 7.52
C GLU B 169 -17.18 -8.74 6.96
N ARG B 170 -16.24 -9.68 6.98
CA ARG B 170 -14.91 -9.34 6.46
C ARG B 170 -14.96 -8.63 5.09
N PRO B 171 -15.99 -8.95 4.26
CA PRO B 171 -16.07 -8.29 2.96
C PRO B 171 -16.21 -6.80 3.11
N VAL B 172 -17.25 -6.33 3.78
CA VAL B 172 -17.40 -4.91 3.95
C VAL B 172 -16.17 -4.37 4.69
N CYS B 173 -15.53 -5.23 5.50
CA CYS B 173 -14.32 -4.88 6.25
C CYS B 173 -13.24 -4.41 5.30
N LYS B 174 -12.88 -5.29 4.36
CA LYS B 174 -11.85 -5.02 3.36
C LYS B 174 -12.25 -3.75 2.62
N ALA B 175 -13.52 -3.65 2.31
CA ALA B 175 -14.03 -2.52 1.60
C ALA B 175 -14.04 -1.14 2.29
N SER B 176 -13.27 -0.87 3.34
CA SER B 176 -13.36 0.48 3.93
C SER B 176 -12.12 1.33 3.81
N THR B 177 -11.05 0.73 3.28
CA THR B 177 -9.81 1.47 3.11
C THR B 177 -8.73 0.68 2.37
N ARG B 178 -7.95 1.39 1.59
CA ARG B 178 -6.89 0.71 0.87
C ARG B 178 -5.86 0.13 1.79
N ILE B 179 -5.97 0.42 3.09
CA ILE B 179 -5.01 -0.15 4.03
C ILE B 179 -5.31 -1.65 4.04
N ARG B 180 -4.31 -2.46 3.66
CA ARG B 180 -4.45 -3.91 3.53
C ARG B 180 -4.95 -4.58 4.80
N ILE B 181 -6.23 -4.94 4.85
CA ILE B 181 -6.68 -5.59 6.08
C ILE B 181 -6.15 -7.02 6.03
N THR B 182 -5.49 -7.42 7.10
CA THR B 182 -4.89 -8.74 7.12
C THR B 182 -5.80 -9.82 7.64
N ASP B 183 -5.40 -11.05 7.32
CA ASP B 183 -6.08 -12.25 7.74
C ASP B 183 -6.41 -12.18 9.24
N ASN B 184 -5.46 -11.66 10.01
CA ASN B 184 -5.66 -11.60 11.43
C ASN B 184 -6.10 -10.29 12.04
N MET B 185 -7.04 -9.61 11.42
CA MET B 185 -7.59 -8.39 12.01
C MET B 185 -9.09 -8.59 11.88
N PHE B 186 -9.89 -7.65 12.30
CA PHE B 186 -11.35 -7.74 12.16
C PHE B 186 -11.92 -6.40 12.45
N CYS B 187 -12.78 -5.93 11.56
CA CYS B 187 -13.37 -4.62 11.77
C CYS B 187 -14.77 -4.81 12.33
N ALA B 188 -15.09 -3.94 13.28
CA ALA B 188 -16.34 -3.97 14.00
C ALA B 188 -16.90 -2.57 14.05
N GLY B 189 -18.20 -2.43 14.26
CA GLY B 189 -18.80 -1.11 14.31
C GLY B 189 -20.09 -1.22 13.53
N TYR B 190 -20.98 -0.26 13.72
CA TYR B 190 -22.28 -0.29 13.05
C TYR B 190 -22.17 0.05 11.59
N LYS B 191 -23.26 -0.20 10.88
CA LYS B 191 -23.43 0.05 9.45
C LYS B 191 -24.07 1.41 9.22
N PRO B 192 -23.90 1.95 8.00
CA PRO B 192 -24.48 3.25 7.62
C PRO B 192 -26.02 3.25 7.76
N GLY B 193 -26.65 2.11 7.44
CA GLY B 193 -28.09 2.00 7.59
C GLY B 193 -28.44 1.96 9.07
N GLU B 194 -28.02 0.86 9.71
CA GLU B 194 -28.24 0.56 11.16
C GLU B 194 -28.68 1.57 12.24
N GLY B 195 -28.47 2.87 12.05
CA GLY B 195 -28.91 3.82 13.06
C GLY B 195 -27.99 4.10 14.24
N LYS B 196 -27.47 3.08 14.90
CA LYS B 196 -26.59 3.30 16.06
C LYS B 196 -25.18 3.78 15.72
N ARG B 197 -24.62 4.58 16.63
CA ARG B 197 -23.27 5.15 16.51
C ARG B 197 -22.45 4.41 17.55
N GLY B 198 -21.15 4.73 17.62
CA GLY B 198 -20.24 4.10 18.57
C GLY B 198 -18.93 3.66 17.88
N ASP B 199 -17.79 3.86 18.54
CA ASP B 199 -16.50 3.47 17.99
C ASP B 199 -15.39 3.77 18.95
N ALA B 200 -14.36 2.93 18.99
CA ALA B 200 -13.19 3.14 19.84
C ALA B 200 -12.27 4.06 19.03
N CYS B 201 -12.14 5.30 19.49
CA CYS B 201 -11.35 6.38 18.88
C CYS B 201 -9.82 6.29 19.24
N GLU B 202 -9.15 7.44 19.16
CA GLU B 202 -7.72 7.56 19.49
C GLU B 202 -7.54 7.33 20.97
N GLY B 203 -6.34 6.97 21.39
CA GLY B 203 -6.05 6.74 22.80
C GLY B 203 -6.52 5.38 23.29
N ASP B 204 -7.43 4.78 22.54
CA ASP B 204 -8.03 3.48 22.84
C ASP B 204 -7.19 2.21 22.59
N SER B 205 -6.16 2.32 21.77
CA SER B 205 -5.33 1.19 21.44
C SER B 205 -4.92 0.34 22.65
N GLY B 206 -4.98 -0.96 22.50
CA GLY B 206 -4.63 -1.84 23.60
C GLY B 206 -5.81 -2.28 24.41
N GLY B 207 -6.79 -1.39 24.57
CA GLY B 207 -8.01 -1.70 25.32
C GLY B 207 -8.61 -2.92 24.69
N PRO B 208 -9.12 -3.90 25.47
CA PRO B 208 -9.66 -5.06 24.79
C PRO B 208 -11.09 -4.97 24.30
N PHE B 209 -11.37 -5.78 23.27
CA PHE B 209 -12.69 -5.94 22.66
C PHE B 209 -13.14 -7.32 23.19
N VAL B 210 -13.70 -7.34 24.40
CA VAL B 210 -14.20 -8.54 25.09
C VAL B 210 -15.64 -8.97 24.71
N MET B 211 -15.88 -10.28 24.69
CA MET B 211 -17.18 -10.87 24.35
C MET B 211 -17.68 -11.93 25.36
N LYS B 212 -18.92 -11.78 25.83
CA LYS B 212 -19.43 -12.73 26.80
C LYS B 212 -19.88 -14.07 26.22
N SER B 213 -19.40 -15.15 26.82
CA SER B 213 -19.73 -16.48 26.35
C SER B 213 -21.00 -16.98 27.03
N PRO B 214 -22.10 -17.19 26.27
CA PRO B 214 -23.34 -17.67 26.92
C PRO B 214 -23.05 -18.94 27.71
N TYR B 215 -22.30 -19.84 27.10
CA TYR B 215 -21.89 -21.08 27.76
C TYR B 215 -20.85 -20.58 28.80
N ASN B 216 -20.83 -21.17 30.00
CA ASN B 216 -19.89 -20.78 31.06
C ASN B 216 -19.86 -19.34 31.51
N ASN B 217 -20.71 -18.54 30.89
CA ASN B 217 -20.86 -17.12 31.19
C ASN B 217 -19.62 -16.34 31.56
N ARG B 218 -18.48 -16.78 31.07
CA ARG B 218 -17.22 -16.09 31.36
C ARG B 218 -16.98 -15.03 30.29
N TRP B 219 -16.11 -14.07 30.59
CA TRP B 219 -15.75 -13.04 29.64
C TRP B 219 -14.44 -13.44 28.89
N TYR B 220 -14.44 -13.28 27.57
CA TYR B 220 -13.30 -13.60 26.69
C TYR B 220 -12.86 -12.36 25.95
N GLN B 221 -11.64 -12.35 25.46
CA GLN B 221 -11.13 -11.21 24.73
C GLN B 221 -10.88 -11.75 23.34
N MET B 222 -11.63 -11.25 22.36
CA MET B 222 -11.41 -11.70 20.99
C MET B 222 -10.35 -10.81 20.33
N GLY B 223 -10.47 -9.50 20.51
CA GLY B 223 -9.53 -8.58 19.88
C GLY B 223 -8.87 -7.51 20.74
N ILE B 224 -8.09 -6.65 20.10
CA ILE B 224 -7.42 -5.57 20.80
C ILE B 224 -7.52 -4.34 19.90
N VAL B 225 -7.77 -3.18 20.49
CA VAL B 225 -7.92 -1.95 19.72
C VAL B 225 -6.58 -1.68 19.03
N SER B 226 -6.56 -1.63 17.68
CA SER B 226 -5.32 -1.46 16.90
C SER B 226 -5.11 -0.25 15.97
N TRP B 227 -6.08 -0.04 15.08
CA TRP B 227 -6.06 1.07 14.10
C TRP B 227 -7.43 1.39 13.52
N GLY B 228 -7.54 2.63 13.03
CA GLY B 228 -8.77 3.10 12.45
C GLY B 228 -8.58 4.50 11.91
N GLU B 229 -9.43 4.89 10.95
CA GLU B 229 -9.35 6.20 10.30
C GLU B 229 -10.31 7.24 10.86
N GLY B 230 -9.88 7.90 11.93
CA GLY B 230 -10.72 8.90 12.53
C GLY B 230 -11.56 8.26 13.59
N CYS B 231 -12.82 8.65 13.72
CA CYS B 231 -13.63 8.08 14.79
C CYS B 231 -15.13 8.24 14.54
N ASP B 232 -15.86 7.12 14.54
CA ASP B 232 -17.30 7.13 14.33
C ASP B 232 -17.70 7.60 12.91
N ARG B 233 -16.71 7.75 12.04
CA ARG B 233 -16.90 8.20 10.66
C ARG B 233 -17.85 7.33 9.89
N ASP B 234 -18.95 7.92 9.41
CA ASP B 234 -19.94 7.17 8.61
C ASP B 234 -19.12 6.61 7.48
N GLY B 235 -19.10 5.30 7.36
CA GLY B 235 -18.32 4.69 6.31
C GLY B 235 -17.21 3.84 6.89
N LYS B 236 -16.32 4.46 7.65
CA LYS B 236 -15.19 3.70 8.20
C LYS B 236 -15.57 2.84 9.43
N TYR B 237 -15.02 1.61 9.49
CA TYR B 237 -15.27 0.70 10.61
C TYR B 237 -13.95 0.53 11.33
N GLY B 238 -13.94 0.62 12.66
CA GLY B 238 -12.69 0.48 13.40
C GLY B 238 -12.09 -0.90 13.30
N PHE B 239 -10.77 -1.02 13.40
CA PHE B 239 -10.16 -2.36 13.34
C PHE B 239 -9.54 -2.75 14.67
N TYR B 240 -9.47 -4.06 14.88
CA TYR B 240 -8.95 -4.67 16.08
C TYR B 240 -8.02 -5.82 15.75
N THR B 241 -7.05 -6.12 16.62
CA THR B 241 -6.11 -7.24 16.40
C THR B 241 -6.78 -8.56 16.76
N HIS B 242 -6.74 -9.51 15.83
CA HIS B 242 -7.33 -10.83 16.03
C HIS B 242 -6.46 -11.55 17.03
N VAL B 243 -6.79 -11.50 18.33
CA VAL B 243 -6.01 -12.22 19.37
C VAL B 243 -6.03 -13.78 19.29
N PHE B 244 -7.11 -14.33 18.76
CA PHE B 244 -7.23 -15.76 18.70
C PHE B 244 -6.15 -16.35 17.84
N ARG B 245 -5.88 -15.71 16.71
CA ARG B 245 -4.87 -16.21 15.78
C ARG B 245 -3.52 -16.11 16.42
N LEU B 246 -3.23 -14.92 16.95
CA LEU B 246 -1.95 -14.68 17.60
C LEU B 246 -1.74 -15.43 18.91
N LYS B 247 -2.79 -16.09 19.41
CA LYS B 247 -2.68 -16.82 20.67
C LYS B 247 -1.57 -17.86 20.68
N LYS B 248 -1.24 -18.42 19.53
CA LYS B 248 -0.23 -19.46 19.54
C LYS B 248 1.16 -18.91 19.86
N TRP B 249 1.34 -17.63 19.57
CA TRP B 249 2.58 -16.92 19.82
C TRP B 249 2.66 -16.71 21.30
N ILE B 250 1.59 -16.12 21.85
CA ILE B 250 1.48 -15.81 23.28
C ILE B 250 1.92 -17.03 24.08
N GLN B 251 1.50 -18.21 23.64
CA GLN B 251 1.86 -19.46 24.32
C GLN B 251 3.36 -19.65 24.20
N LYS B 252 3.83 -19.56 22.96
CA LYS B 252 5.24 -19.75 22.65
C LYS B 252 6.11 -18.83 23.43
N VAL B 253 5.64 -17.65 23.81
CA VAL B 253 6.49 -16.73 24.57
C VAL B 253 6.46 -17.03 26.06
N ILE B 254 5.25 -16.93 26.64
CA ILE B 254 5.01 -17.13 28.07
C ILE B 254 5.61 -18.36 28.72
N ASP B 255 5.44 -19.56 28.15
CA ASP B 255 6.01 -20.75 28.80
C ASP B 255 7.51 -21.00 28.55
N ARG B 256 8.09 -20.22 27.65
CA ARG B 256 9.51 -20.34 27.34
C ARG B 256 10.25 -19.58 28.40
N LEU B 257 9.55 -18.69 29.10
CA LEU B 257 10.15 -17.89 30.14
C LEU B 257 10.62 -18.72 31.34
N GLY B 258 11.74 -19.38 31.15
CA GLY B 258 12.32 -20.21 32.19
C GLY B 258 11.61 -21.52 32.36
N SER B 259 10.67 -21.55 33.29
CA SER B 259 9.91 -22.75 33.60
C SER B 259 8.57 -22.82 32.85
N SER C 1 -1.00 9.63 18.82
CA SER C 1 -1.01 10.04 20.25
C SER C 1 -2.15 11.06 20.41
N PRO C 2 -2.86 11.01 21.56
CA PRO C 2 -3.98 11.93 21.79
C PRO C 2 -3.56 13.40 21.96
N LEU C 3 -2.57 13.64 22.81
CA LEU C 3 -2.09 14.98 23.09
C LEU C 3 -1.19 15.55 22.00
N LEU C 4 -0.92 14.72 21.00
CA LEU C 4 -0.07 15.02 19.85
C LEU C 4 -0.35 16.37 19.15
N GLU C 5 0.54 16.73 18.24
CA GLU C 5 0.42 17.96 17.45
C GLU C 5 -0.89 17.86 16.65
N THR C 6 -1.47 19.01 16.34
CA THR C 6 -2.73 19.07 15.62
C THR C 6 -2.75 18.31 14.28
N CYS C 7 -3.80 18.54 13.50
CA CYS C 7 -3.98 17.89 12.21
C CYS C 7 -3.07 18.49 11.15
N VAL C 8 -2.83 17.74 10.07
CA VAL C 8 -2.00 18.22 8.95
C VAL C 8 -2.91 18.34 7.74
N PRO C 9 -3.32 19.56 7.39
CA PRO C 9 -4.20 19.87 6.25
C PRO C 9 -3.46 20.00 4.91
N ASP C 10 -4.16 20.48 3.87
CA ASP C 10 -3.54 20.68 2.54
C ASP C 10 -2.56 19.57 2.18
N ARG C 11 -2.82 18.38 2.66
CA ARG C 11 -1.96 17.24 2.40
C ARG C 11 -0.47 17.53 2.73
N GLY C 12 -0.24 18.34 3.77
CA GLY C 12 1.11 18.64 4.18
C GLY C 12 1.82 19.69 3.35
N ARG C 13 1.09 20.43 2.52
CA ARG C 13 1.68 21.46 1.68
C ARG C 13 2.50 22.50 2.45
N GLU C 14 1.84 23.28 3.30
CA GLU C 14 2.55 24.25 4.09
C GLU C 14 2.86 23.65 5.49
N TYR C 15 3.50 22.49 5.51
CA TYR C 15 3.86 21.84 6.78
C TYR C 15 5.32 22.10 7.14
N ARG C 16 5.53 22.71 8.29
CA ARG C 16 6.87 23.02 8.76
C ARG C 16 7.03 22.34 10.12
N GLY C 17 7.29 21.03 10.07
CA GLY C 17 7.49 20.24 11.27
C GLY C 17 8.94 19.71 11.24
N ARG C 18 9.32 18.83 12.16
CA ARG C 18 10.70 18.37 12.13
C ARG C 18 10.89 16.88 12.17
N LEU C 19 10.02 16.13 11.52
CA LEU C 19 10.16 14.67 11.50
C LEU C 19 11.20 14.21 10.45
N ALA C 20 12.30 13.63 10.90
CA ALA C 20 13.32 13.13 9.95
C ALA C 20 13.20 11.60 9.64
N VAL C 21 11.98 11.10 9.45
CA VAL C 21 11.82 9.66 9.16
C VAL C 21 10.81 9.35 8.02
N THR C 22 10.83 8.11 7.53
CA THR C 22 9.94 7.70 6.46
C THR C 22 9.01 6.55 6.88
N THR C 23 7.95 6.33 6.13
CA THR C 23 7.02 5.25 6.46
C THR C 23 7.71 3.91 6.43
N HIS C 24 8.78 3.77 5.67
CA HIS C 24 9.48 2.49 5.65
C HIS C 24 10.40 2.45 6.86
N GLY C 25 10.26 3.46 7.72
CA GLY C 25 11.05 3.53 8.93
C GLY C 25 12.51 3.92 8.75
N SER C 26 12.84 4.75 7.76
CA SER C 26 14.25 5.14 7.55
C SER C 26 14.65 6.61 7.85
N ARG C 27 15.95 6.86 7.69
CA ARG C 27 16.58 8.16 7.89
C ARG C 27 15.92 9.25 7.03
N CYS C 28 16.71 10.19 6.51
CA CYS C 28 16.14 11.28 5.74
C CYS C 28 17.30 12.21 5.35
N LEU C 29 17.53 12.41 4.05
CA LEU C 29 18.64 13.23 3.59
C LEU C 29 18.49 14.76 3.70
N ALA C 30 19.59 15.47 3.94
CA ALA C 30 19.51 16.91 4.05
C ALA C 30 19.19 17.49 2.69
N TRP C 31 18.08 18.21 2.59
CA TRP C 31 17.63 18.80 1.33
C TRP C 31 18.63 19.57 0.48
N SER C 32 19.71 20.04 1.09
CA SER C 32 20.72 20.77 0.35
C SER C 32 22.01 19.99 0.28
N SER C 33 21.95 18.68 0.47
CA SER C 33 23.15 17.85 0.41
C SER C 33 23.53 17.58 -1.03
N GLU C 34 24.67 16.94 -1.25
CA GLU C 34 25.11 16.63 -2.60
C GLU C 34 23.96 15.86 -3.27
N GLN C 35 23.69 14.69 -2.70
CA GLN C 35 22.67 13.78 -3.20
C GLN C 35 21.38 14.51 -3.45
N ALA C 36 20.75 14.97 -2.39
CA ALA C 36 19.46 15.63 -2.55
C ALA C 36 19.46 16.91 -3.37
N LYS C 37 20.61 17.54 -3.55
CA LYS C 37 20.65 18.78 -4.31
C LYS C 37 20.46 18.47 -5.77
N ALA C 38 20.96 17.30 -6.15
CA ALA C 38 20.91 16.82 -7.52
C ALA C 38 19.55 16.34 -7.96
N LEU C 39 19.02 15.31 -7.31
CA LEU C 39 17.73 14.71 -7.68
C LEU C 39 16.61 15.71 -7.88
N SER C 40 16.66 16.77 -7.11
CA SER C 40 15.66 17.78 -7.21
C SER C 40 15.99 18.68 -8.41
N LYS C 41 17.27 18.93 -8.62
CA LYS C 41 17.71 19.78 -9.73
C LYS C 41 17.25 19.18 -11.06
N ASP C 42 16.05 19.59 -11.48
CA ASP C 42 15.40 19.20 -12.74
C ASP C 42 13.91 18.98 -12.60
N GLN C 43 13.41 19.11 -11.37
CA GLN C 43 11.98 18.95 -11.08
C GLN C 43 11.24 20.29 -11.09
N ASP C 44 10.62 20.67 -9.98
CA ASP C 44 9.89 21.93 -9.96
C ASP C 44 9.47 22.31 -8.56
N PHE C 45 10.43 22.67 -7.73
CA PHE C 45 10.11 23.01 -6.35
C PHE C 45 9.57 24.40 -6.08
N ASN C 46 8.28 24.47 -5.81
CA ASN C 46 7.69 25.74 -5.47
C ASN C 46 8.00 25.92 -3.97
N PRO C 47 7.93 27.16 -3.48
CA PRO C 47 8.20 27.36 -2.05
C PRO C 47 7.14 26.72 -1.11
N ALA C 48 6.24 27.56 -0.59
CA ALA C 48 5.15 27.17 0.34
C ALA C 48 5.65 27.23 1.78
N VAL C 49 6.80 26.62 2.00
CA VAL C 49 7.48 26.59 3.28
C VAL C 49 8.94 26.32 2.92
N PRO C 50 9.85 26.57 3.87
CA PRO C 50 11.28 26.36 3.65
C PRO C 50 11.68 24.90 3.55
N LEU C 51 12.84 24.63 2.96
CA LEU C 51 13.28 23.25 2.87
C LEU C 51 14.02 22.75 4.11
N ALA C 52 13.87 23.49 5.19
CA ALA C 52 14.50 23.20 6.48
C ALA C 52 15.22 21.85 6.69
N GLU C 53 16.53 21.92 6.92
CA GLU C 53 17.40 20.77 7.16
C GLU C 53 16.98 19.53 6.40
N ASN C 54 16.66 18.45 7.13
CA ASN C 54 16.22 17.22 6.46
C ASN C 54 14.82 16.88 7.00
N PHE C 55 13.98 17.86 7.18
CA PHE C 55 12.67 17.57 7.68
C PHE C 55 11.71 17.29 6.52
N CYS C 56 10.77 16.37 6.74
CA CYS C 56 9.79 16.00 5.75
C CYS C 56 9.15 17.28 5.39
N ARG C 57 9.13 17.56 4.09
CA ARG C 57 8.54 18.78 3.54
C ARG C 57 7.83 18.35 2.30
N ASN C 58 6.82 19.10 1.85
CA ASN C 58 6.22 18.72 0.57
C ASN C 58 6.66 19.89 -0.34
N PRO C 59 7.89 19.81 -0.90
CA PRO C 59 8.43 20.87 -1.76
C PRO C 59 7.93 20.87 -3.20
N ASP C 60 7.21 19.83 -3.60
CA ASP C 60 6.78 19.79 -4.99
C ASP C 60 5.28 19.91 -5.10
N GLY C 61 4.65 19.91 -3.94
CA GLY C 61 3.21 19.99 -3.94
C GLY C 61 2.71 18.62 -4.32
N ASP C 62 3.49 17.59 -3.96
CA ASP C 62 3.13 16.22 -4.23
C ASP C 62 1.84 16.01 -3.44
N GLU C 63 0.77 15.68 -4.13
CA GLU C 63 -0.45 15.51 -3.41
C GLU C 63 -0.69 14.10 -2.89
N GLU C 64 0.28 13.63 -2.12
CA GLU C 64 0.23 12.34 -1.47
C GLU C 64 1.04 12.54 -0.18
N GLY C 65 1.29 13.82 0.11
CA GLY C 65 2.01 14.18 1.32
C GLY C 65 3.36 14.86 1.15
N ALA C 66 4.17 14.72 2.21
CA ALA C 66 5.52 15.25 2.29
C ALA C 66 6.46 14.05 2.32
N TRP C 67 7.73 14.29 2.06
CA TRP C 67 8.67 13.17 1.99
C TRP C 67 10.18 13.52 2.16
N CYS C 68 10.99 12.47 2.16
CA CYS C 68 12.45 12.54 2.29
C CYS C 68 13.09 11.88 1.07
N TYR C 69 14.42 11.99 1.05
CA TYR C 69 15.26 11.36 0.08
C TYR C 69 15.94 10.37 1.01
N VAL C 70 16.08 9.13 0.60
CA VAL C 70 16.68 8.11 1.42
C VAL C 70 18.07 7.74 0.88
N ALA C 71 18.38 8.25 -0.30
CA ALA C 71 19.63 7.98 -1.00
C ALA C 71 19.86 8.98 -2.12
N ASP C 72 20.47 8.49 -3.20
CA ASP C 72 20.85 9.34 -4.32
C ASP C 72 20.28 9.00 -5.71
N GLN C 73 19.97 7.73 -5.95
CA GLN C 73 19.44 7.27 -7.23
C GLN C 73 18.01 7.70 -7.35
N PRO C 74 17.42 7.60 -8.57
CA PRO C 74 16.03 7.99 -8.79
C PRO C 74 15.13 7.05 -8.03
N GLY C 75 14.10 7.62 -7.43
CA GLY C 75 13.17 6.82 -6.69
C GLY C 75 13.61 6.53 -5.26
N ASP C 76 14.83 6.88 -4.89
CA ASP C 76 15.25 6.61 -3.52
C ASP C 76 14.71 7.64 -2.56
N PHE C 77 13.42 7.91 -2.61
CA PHE C 77 12.78 8.89 -1.72
C PHE C 77 11.60 8.19 -1.10
N GLU C 78 11.17 8.62 0.06
CA GLU C 78 10.04 7.97 0.70
C GLU C 78 9.11 8.99 1.34
N TYR C 79 7.80 8.74 1.36
CA TYR C 79 6.83 9.64 2.00
C TYR C 79 6.88 9.50 3.52
N CYS C 80 6.47 10.54 4.23
CA CYS C 80 6.45 10.50 5.68
C CYS C 80 5.03 10.22 6.21
N ASP C 81 4.92 9.59 7.37
CA ASP C 81 3.59 9.32 7.92
C ASP C 81 3.16 10.51 8.77
N LEU C 82 2.86 11.60 8.10
CA LEU C 82 2.46 12.80 8.78
C LEU C 82 1.14 12.81 9.48
N ASN C 83 0.31 11.80 9.25
CA ASN C 83 -1.00 11.74 9.92
C ASN C 83 -1.88 12.89 9.41
N TYR C 84 -2.14 12.87 8.12
CA TYR C 84 -2.92 13.91 7.49
C TYR C 84 -4.41 13.91 7.87
N CYS C 85 -5.06 15.04 7.60
CA CYS C 85 -6.47 15.30 7.89
C CYS C 85 -7.52 14.46 7.17
N GLU C 86 -7.97 14.96 6.01
CA GLU C 86 -9.03 14.32 5.22
C GLU C 86 -8.57 13.54 3.99
N GLU C 87 -9.48 12.73 3.44
CA GLU C 87 -9.20 11.92 2.26
C GLU C 87 -8.84 12.76 1.04
N PRO C 88 -7.63 12.51 0.47
CA PRO C 88 -7.13 13.24 -0.70
C PRO C 88 -8.11 13.30 -1.88
N VAL C 89 -8.12 14.45 -2.54
CA VAL C 89 -9.02 14.67 -3.66
C VAL C 89 -8.62 13.86 -4.90
N ASP C 90 -9.61 13.33 -5.59
CA ASP C 90 -9.38 12.48 -6.75
C ASP C 90 -9.95 13.09 -8.03
N GLY C 91 -9.20 14.02 -8.62
CA GLY C 91 -9.63 14.73 -9.82
C GLY C 91 -10.03 13.88 -11.01
N ASP C 92 -11.21 14.15 -11.56
CA ASP C 92 -11.73 13.41 -12.70
C ASP C 92 -10.89 13.55 -13.97
N LEU C 93 -9.94 12.62 -14.13
CA LEU C 93 -9.09 12.55 -15.30
C LEU C 93 -8.25 13.80 -15.55
N GLY C 94 -8.70 14.63 -16.48
CA GLY C 94 -7.95 15.84 -16.78
C GLY C 94 -8.14 16.86 -15.68
N ASP C 95 -8.98 16.52 -14.70
CA ASP C 95 -9.28 17.39 -13.58
C ASP C 95 -8.16 17.95 -12.74
N ARG C 96 -6.94 17.46 -12.98
CA ARG C 96 -5.74 17.93 -12.28
C ARG C 96 -4.87 18.69 -13.29
N LEU C 97 -5.57 19.44 -14.15
CA LEU C 97 -5.02 20.28 -15.22
C LEU C 97 -3.52 20.18 -15.59
N GLY C 98 -2.67 20.86 -14.85
CA GLY C 98 -1.24 20.86 -15.13
C GLY C 98 -0.83 21.97 -16.09
N GLU C 99 -0.46 23.13 -15.55
CA GLU C 99 -0.06 24.28 -16.35
C GLU C 99 1.31 24.01 -16.93
N ASP C 100 1.33 23.20 -18.00
CA ASP C 100 2.55 22.79 -18.66
C ASP C 100 3.20 23.83 -19.57
N PRO C 101 4.53 23.74 -19.72
CA PRO C 101 5.47 24.55 -20.49
C PRO C 101 5.16 25.88 -21.15
N ASP C 102 6.17 26.72 -21.05
CA ASP C 102 6.19 28.06 -21.59
C ASP C 102 7.10 27.99 -22.81
N PRO C 103 7.30 29.12 -23.53
CA PRO C 103 8.18 29.01 -24.69
C PRO C 103 9.59 29.02 -24.07
N ASP C 104 9.84 28.04 -23.19
CA ASP C 104 11.07 27.88 -22.44
C ASP C 104 11.26 29.00 -21.38
N ALA C 105 10.56 30.11 -21.56
CA ALA C 105 10.60 31.23 -20.63
C ALA C 105 9.16 31.53 -20.17
N ALA C 106 9.02 31.70 -18.86
CA ALA C 106 7.74 31.95 -18.17
C ALA C 106 6.65 32.72 -18.93
N ILE C 107 5.43 32.17 -18.91
CA ILE C 107 4.25 32.75 -19.55
C ILE C 107 4.31 32.83 -21.09
N GLU C 108 3.14 32.67 -21.71
CA GLU C 108 3.00 32.75 -23.17
C GLU C 108 2.56 34.15 -23.61
N GLY C 109 1.24 34.37 -23.63
CA GLY C 109 0.69 35.66 -24.02
C GLY C 109 1.14 36.10 -25.41
N ARG C 110 2.32 36.70 -25.49
CA ARG C 110 2.88 37.13 -26.76
C ARG C 110 3.34 35.84 -27.44
N THR C 111 2.38 35.05 -27.90
CA THR C 111 2.69 33.78 -28.54
C THR C 111 1.80 33.55 -29.78
N SER C 112 2.45 33.39 -30.94
CA SER C 112 1.73 33.16 -32.19
C SER C 112 2.66 32.56 -33.24
N GLU C 113 2.27 31.43 -33.83
CA GLU C 113 3.05 30.76 -34.88
C GLU C 113 2.08 30.18 -35.93
N ASP C 114 2.61 29.41 -36.90
CA ASP C 114 1.76 28.86 -37.98
C ASP C 114 0.51 28.10 -37.50
N HIS C 115 0.69 26.83 -37.16
CA HIS C 115 -0.42 25.99 -36.71
C HIS C 115 -0.05 24.94 -35.67
N PHE C 116 1.23 24.84 -35.32
CA PHE C 116 1.66 23.84 -34.35
C PHE C 116 2.36 24.43 -33.12
N GLN C 117 3.68 24.62 -33.22
CA GLN C 117 4.54 25.20 -32.17
C GLN C 117 5.54 24.25 -31.55
N PRO C 118 6.76 24.21 -32.11
CA PRO C 118 7.82 23.36 -31.59
C PRO C 118 8.23 23.82 -30.18
N PHE C 119 7.58 23.23 -29.17
CA PHE C 119 7.88 23.53 -27.78
C PHE C 119 9.18 22.82 -27.41
N PHE C 120 10.18 22.86 -28.30
CA PHE C 120 11.41 22.16 -28.01
C PHE C 120 12.77 22.66 -28.49
N ASN C 121 12.83 23.89 -29.00
CA ASN C 121 14.11 24.51 -29.43
C ASN C 121 14.87 24.07 -30.69
N GLU C 122 14.76 22.79 -31.07
CA GLU C 122 15.44 22.30 -32.28
C GLU C 122 16.89 21.88 -32.01
N LYS C 123 17.65 22.74 -31.34
CA LYS C 123 19.05 22.45 -31.05
C LYS C 123 19.23 21.17 -30.25
N THR C 124 18.73 21.17 -29.04
CA THR C 124 18.83 20.05 -28.13
C THR C 124 17.79 18.95 -28.39
N PHE C 125 16.57 19.36 -28.74
CA PHE C 125 15.52 18.39 -29.01
C PHE C 125 15.75 17.67 -30.33
N GLY C 126 16.33 18.38 -31.31
CA GLY C 126 16.65 17.81 -32.63
C GLY C 126 15.63 18.01 -33.75
N ALA C 127 15.78 17.23 -34.82
CA ALA C 127 14.86 17.30 -35.96
C ALA C 127 13.54 16.55 -35.81
N GLY C 128 12.49 17.05 -36.48
CA GLY C 128 11.21 16.36 -36.47
C GLY C 128 9.92 17.05 -36.10
N GLU C 129 9.83 17.45 -34.85
CA GLU C 129 8.65 18.10 -34.28
C GLU C 129 7.70 18.76 -35.24
N ALA C 130 8.23 19.61 -36.10
CA ALA C 130 7.44 20.33 -37.08
C ALA C 130 6.41 19.46 -37.84
N ASP C 131 6.91 18.41 -38.49
CA ASP C 131 6.07 17.52 -39.27
C ASP C 131 5.67 16.27 -38.48
N CYS C 132 5.73 16.38 -37.15
CA CYS C 132 5.36 15.27 -36.26
C CYS C 132 3.89 14.97 -36.39
N GLY C 133 3.55 13.80 -35.89
CA GLY C 133 2.17 13.38 -35.89
C GLY C 133 1.62 13.08 -37.25
N LEU C 134 2.38 13.26 -38.31
CA LEU C 134 1.85 12.96 -39.65
C LEU C 134 2.54 11.78 -40.35
N ARG C 135 1.83 10.64 -40.45
CA ARG C 135 2.45 9.44 -41.05
C ARG C 135 2.62 9.38 -42.55
N PRO C 136 3.90 9.24 -42.95
CA PRO C 136 4.38 9.14 -44.33
C PRO C 136 3.40 8.38 -45.23
N LEU C 137 2.97 7.19 -44.81
CA LEU C 137 2.08 6.37 -45.66
C LEU C 137 0.57 6.55 -45.46
N PHE C 138 0.21 7.60 -44.72
CA PHE C 138 -1.20 7.85 -44.49
C PHE C 138 -1.64 9.29 -44.72
N GLU C 139 -1.69 10.11 -43.66
CA GLU C 139 -2.14 11.49 -43.74
C GLU C 139 -1.40 12.36 -44.70
N LYS C 140 -0.09 12.15 -44.81
CA LYS C 140 0.73 12.90 -45.75
C LYS C 140 0.34 12.39 -47.15
N LYS C 141 -0.15 11.15 -47.24
CA LYS C 141 -0.59 10.54 -48.50
C LYS C 141 -2.13 10.56 -48.59
N GLN C 142 -2.76 11.37 -47.73
CA GLN C 142 -4.24 11.46 -47.64
C GLN C 142 -5.07 10.12 -47.70
N VAL C 143 -4.41 9.03 -47.27
CA VAL C 143 -4.97 7.65 -47.21
C VAL C 143 -5.34 7.25 -45.73
N GLN C 144 -6.54 6.70 -45.55
CA GLN C 144 -6.95 6.31 -44.21
C GLN C 144 -6.53 4.98 -43.60
N ASP C 145 -6.35 5.06 -42.29
CA ASP C 145 -5.94 3.95 -41.46
C ASP C 145 -7.16 3.02 -41.28
N GLN C 146 -6.92 1.72 -41.27
CA GLN C 146 -7.99 0.74 -41.11
C GLN C 146 -8.97 1.00 -39.96
N THR C 147 -8.49 1.56 -38.85
CA THR C 147 -9.35 1.85 -37.71
C THR C 147 -9.46 3.34 -37.34
N GLU C 148 -8.74 4.19 -38.07
CA GLU C 148 -8.73 5.64 -37.83
C GLU C 148 -10.14 6.19 -37.63
N LYS C 149 -11.05 5.66 -38.44
CA LYS C 149 -12.46 6.01 -38.45
C LYS C 149 -13.11 5.67 -37.08
N GLU C 150 -12.79 4.49 -36.57
CA GLU C 150 -13.31 3.96 -35.30
C GLU C 150 -12.83 4.81 -34.17
N LEU C 151 -11.61 5.27 -34.32
CA LEU C 151 -11.01 6.10 -33.32
C LEU C 151 -11.70 7.46 -33.45
N PHE C 152 -12.31 7.70 -34.59
CA PHE C 152 -12.93 8.97 -34.83
C PHE C 152 -14.33 9.18 -34.29
N GLU C 153 -15.21 8.22 -34.57
CA GLU C 153 -16.59 8.33 -34.08
C GLU C 153 -16.63 8.48 -32.56
N SER C 154 -15.48 8.24 -31.91
CA SER C 154 -15.29 8.33 -30.45
C SER C 154 -15.62 9.73 -29.95
N TYR C 155 -15.07 10.72 -30.66
CA TYR C 155 -15.25 12.14 -30.35
C TYR C 155 -16.67 12.59 -30.71
N ILE C 156 -17.24 11.93 -31.72
CA ILE C 156 -18.61 12.15 -32.21
C ILE C 156 -19.62 11.59 -31.22
N GLU C 157 -19.25 10.44 -30.65
CA GLU C 157 -20.08 9.75 -29.68
C GLU C 157 -21.37 9.16 -30.25
N GLY C 158 -21.78 8.06 -29.64
CA GLY C 158 -23.01 7.40 -30.05
C GLY C 158 -24.09 7.69 -29.03
N ARG C 159 -24.17 8.96 -28.63
CA ARG C 159 -25.15 9.43 -27.66
C ARG C 159 -24.83 10.89 -27.31
N ILE D 1 0.18 -7.48 -26.40
CA ILE D 1 -1.07 -6.71 -26.43
C ILE D 1 -2.22 -7.75 -26.67
N VAL D 2 -3.32 -7.64 -25.93
CA VAL D 2 -4.43 -8.61 -25.98
C VAL D 2 -5.64 -8.20 -26.80
N GLU D 3 -6.27 -9.20 -27.45
CA GLU D 3 -7.44 -9.00 -28.31
C GLU D 3 -7.30 -7.76 -29.22
N GLY D 4 -6.22 -7.72 -29.99
CA GLY D 4 -5.97 -6.60 -30.87
C GLY D 4 -5.41 -7.19 -32.13
N GLN D 5 -5.65 -6.53 -33.25
CA GLN D 5 -5.17 -7.01 -34.54
C GLN D 5 -3.71 -6.69 -34.91
N ASP D 6 -3.26 -7.21 -36.03
CA ASP D 6 -1.88 -6.95 -36.49
C ASP D 6 -1.90 -5.57 -37.12
N ALA D 7 -0.85 -4.80 -36.87
CA ALA D 7 -0.76 -3.45 -37.42
C ALA D 7 -0.27 -3.33 -38.89
N GLU D 8 -0.93 -2.43 -39.61
CA GLU D 8 -0.61 -2.19 -41.02
C GLU D 8 0.85 -1.77 -41.13
N VAL D 9 1.49 -2.23 -42.18
CA VAL D 9 2.87 -1.86 -42.42
C VAL D 9 2.84 -0.34 -42.47
N GLY D 10 3.46 0.32 -41.50
CA GLY D 10 3.50 1.78 -41.49
C GLY D 10 2.41 2.50 -40.72
N LEU D 11 1.65 1.77 -39.92
CA LEU D 11 0.59 2.39 -39.15
C LEU D 11 1.17 3.24 -38.03
N SER D 12 2.32 2.83 -37.49
CA SER D 12 2.92 3.62 -36.42
C SER D 12 4.46 3.67 -36.42
N PRO D 13 5.02 4.53 -37.30
CA PRO D 13 6.46 4.75 -37.54
C PRO D 13 7.29 5.27 -36.36
N TRP D 14 6.65 5.61 -35.24
CA TRP D 14 7.37 6.12 -34.09
C TRP D 14 7.62 5.05 -33.04
N GLN D 15 7.04 3.88 -33.31
CA GLN D 15 7.14 2.67 -32.48
C GLN D 15 8.54 2.27 -32.25
N VAL D 16 8.92 2.02 -31.01
CA VAL D 16 10.30 1.66 -30.71
C VAL D 16 10.56 0.35 -29.95
N MET D 17 11.18 -0.62 -30.63
CA MET D 17 11.53 -1.91 -30.04
C MET D 17 12.74 -1.57 -29.22
N LEU D 18 12.73 -1.88 -27.94
CA LEU D 18 13.86 -1.59 -27.07
C LEU D 18 14.33 -2.91 -26.55
N PHE D 19 15.46 -3.42 -27.03
CA PHE D 19 15.89 -4.68 -26.46
C PHE D 19 17.33 -4.84 -26.02
N ARG D 20 17.60 -5.83 -25.18
CA ARG D 20 18.96 -5.99 -24.73
C ARG D 20 19.79 -6.82 -25.70
N LYS D 21 21.06 -6.41 -25.83
CA LYS D 21 21.97 -7.08 -26.74
C LYS D 21 22.47 -8.44 -26.25
N SER D 22 22.50 -8.67 -24.94
CA SER D 22 22.93 -9.97 -24.49
C SER D 22 22.58 -10.28 -23.06
N PRO D 23 21.85 -11.38 -22.89
CA PRO D 23 21.46 -12.24 -24.00
C PRO D 23 20.39 -11.48 -24.90
N GLN D 24 20.31 -11.77 -26.19
CA GLN D 24 19.34 -11.10 -27.07
C GLN D 24 17.90 -11.46 -26.66
N GLU D 25 17.11 -10.46 -26.28
CA GLU D 25 15.72 -10.66 -25.88
C GLU D 25 15.00 -9.33 -25.87
N LEU D 26 13.72 -9.34 -26.30
CA LEU D 26 12.87 -8.13 -26.37
C LEU D 26 12.59 -7.60 -24.99
N LEU D 27 12.75 -6.31 -24.79
CA LEU D 27 12.51 -5.77 -23.45
C LEU D 27 11.24 -4.97 -23.25
N CYS D 28 11.11 -3.96 -24.09
CA CYS D 28 9.99 -3.06 -23.99
C CYS D 28 9.85 -2.36 -25.29
N GLY D 29 8.83 -1.53 -25.35
CA GLY D 29 8.60 -0.74 -26.53
C GLY D 29 8.97 0.66 -26.11
N ALA D 30 8.58 1.63 -26.92
CA ALA D 30 8.86 3.01 -26.63
C ALA D 30 8.44 3.74 -27.85
N SER D 31 8.70 5.06 -27.87
CA SER D 31 8.36 5.98 -28.95
C SER D 31 9.43 6.99 -29.35
N LEU D 32 9.46 7.27 -30.65
CA LEU D 32 10.38 8.25 -31.26
C LEU D 32 9.70 9.62 -31.25
N ILE D 33 10.17 10.55 -30.44
CA ILE D 33 9.60 11.91 -30.36
C ILE D 33 10.35 12.99 -31.17
N SER D 34 11.49 12.63 -31.74
CA SER D 34 12.33 13.55 -32.51
C SER D 34 13.23 12.65 -33.34
N ASP D 35 14.31 13.18 -33.91
CA ASP D 35 15.18 12.33 -34.68
C ASP D 35 16.28 11.76 -33.83
N ARG D 36 16.43 12.26 -32.61
CA ARG D 36 17.50 11.81 -31.72
C ARG D 36 17.15 11.30 -30.29
N TRP D 37 15.93 11.63 -29.85
CA TRP D 37 15.42 11.23 -28.54
C TRP D 37 14.27 10.22 -28.65
N VAL D 38 14.14 9.37 -27.65
CA VAL D 38 13.07 8.42 -27.63
C VAL D 38 12.53 8.38 -26.19
N LEU D 39 11.20 8.41 -26.07
CA LEU D 39 10.47 8.40 -24.80
C LEU D 39 10.08 6.96 -24.39
N THR D 40 10.36 6.53 -23.17
CA THR D 40 9.94 5.19 -22.75
C THR D 40 9.53 5.08 -21.30
N ALA D 41 8.98 3.93 -20.95
CA ALA D 41 8.53 3.70 -19.58
C ALA D 41 9.77 3.42 -18.80
N ALA D 42 9.86 4.01 -17.61
CA ALA D 42 11.04 3.83 -16.76
C ALA D 42 11.35 2.40 -16.21
N HIS D 43 10.32 1.65 -15.80
CA HIS D 43 10.49 0.30 -15.25
C HIS D 43 11.01 -0.77 -16.25
N CYS D 44 11.52 -0.29 -17.38
CA CYS D 44 12.05 -1.16 -18.40
C CYS D 44 13.53 -1.23 -18.12
N LEU D 45 14.07 -0.10 -17.68
CA LEU D 45 15.49 0.01 -17.34
C LEU D 45 15.74 -0.24 -15.85
N LEU D 46 14.90 0.35 -14.98
CA LEU D 46 15.10 0.23 -13.53
C LEU D 46 13.97 -0.27 -12.63
N TYR D 47 14.21 -1.37 -11.92
CA TYR D 47 13.23 -1.89 -10.96
C TYR D 47 14.03 -2.83 -10.00
N PRO D 48 14.70 -2.23 -9.00
CA PRO D 48 15.52 -2.93 -8.02
C PRO D 48 14.92 -4.17 -7.42
N PRO D 49 13.68 -4.10 -6.90
CA PRO D 49 13.06 -5.30 -6.31
C PRO D 49 13.15 -6.55 -7.16
N TRP D 50 13.43 -6.39 -8.46
CA TRP D 50 13.53 -7.48 -9.41
C TRP D 50 14.97 -7.76 -9.87
N ASP D 51 15.82 -6.75 -9.73
CA ASP D 51 17.22 -6.74 -10.12
C ASP D 51 17.47 -6.13 -11.46
N LYS D 52 16.52 -5.27 -11.82
CA LYS D 52 16.51 -4.54 -13.08
C LYS D 52 17.35 -3.25 -13.06
N ASN D 53 18.57 -3.34 -13.57
CA ASN D 53 19.44 -2.18 -13.64
C ASN D 53 20.29 -2.10 -14.94
N PHE D 54 19.66 -2.01 -16.11
CA PHE D 54 20.41 -1.96 -17.39
C PHE D 54 21.01 -0.57 -17.71
N THR D 55 22.30 -0.52 -18.04
CA THR D 55 22.95 0.77 -18.41
C THR D 55 22.90 0.90 -19.90
N VAL D 56 23.39 2.05 -20.37
CA VAL D 56 23.45 2.33 -21.80
C VAL D 56 24.11 1.17 -22.51
N ASP D 57 25.26 0.76 -22.00
CA ASP D 57 26.02 -0.33 -22.61
C ASP D 57 25.33 -1.69 -22.56
N ASP D 58 24.10 -1.73 -22.06
CA ASP D 58 23.36 -2.97 -21.94
C ASP D 58 22.26 -3.14 -22.98
N LEU D 59 21.65 -2.03 -23.39
CA LEU D 59 20.55 -2.18 -24.34
C LEU D 59 20.54 -1.31 -25.57
N LEU D 60 20.23 -1.91 -26.72
CA LEU D 60 20.14 -1.20 -28.01
C LEU D 60 18.70 -0.96 -28.50
N VAL D 61 18.56 -0.09 -29.47
CA VAL D 61 17.24 0.24 -29.98
C VAL D 61 16.96 -0.11 -31.46
N ARG D 62 15.72 -0.34 -31.82
CA ARG D 62 15.40 -0.65 -33.22
C ARG D 62 14.24 0.18 -33.79
N ILE D 63 14.58 1.30 -34.44
CA ILE D 63 13.54 2.14 -35.00
C ILE D 63 13.04 1.61 -36.33
N GLY D 64 11.72 1.70 -36.57
CA GLY D 64 11.14 1.28 -37.84
C GLY D 64 10.74 -0.17 -38.14
N LYS D 65 10.77 -1.04 -37.14
CA LYS D 65 10.40 -2.42 -37.42
C LYS D 65 8.93 -2.77 -37.57
N HIS D 66 8.70 -4.06 -37.81
CA HIS D 66 7.35 -4.59 -37.99
C HIS D 66 7.23 -5.93 -37.31
N SER D 67 7.81 -6.98 -37.86
CA SER D 67 7.71 -8.26 -37.17
C SER D 67 8.70 -8.30 -36.00
N ARG D 68 8.22 -8.63 -34.79
CA ARG D 68 9.07 -8.70 -33.59
C ARG D 68 10.31 -9.64 -33.68
N THR D 69 10.64 -10.06 -34.89
CA THR D 69 11.77 -10.92 -35.19
C THR D 69 11.82 -11.09 -36.72
N ARG D 70 13.03 -10.98 -37.26
CA ARG D 70 13.39 -11.05 -38.68
C ARG D 70 14.09 -9.72 -38.96
N TYR D 71 15.37 -9.78 -39.29
CA TYR D 71 16.10 -8.54 -39.57
C TYR D 71 15.45 -7.93 -40.79
N GLU D 72 14.72 -6.84 -40.56
CA GLU D 72 14.07 -6.18 -41.65
C GLU D 72 15.09 -5.35 -42.43
N ARG D 73 15.90 -6.09 -43.18
CA ARG D 73 17.00 -5.63 -44.04
C ARG D 73 16.79 -4.35 -44.86
N LYS D 74 15.57 -4.01 -45.17
CA LYS D 74 15.36 -2.83 -45.96
C LYS D 74 14.80 -1.67 -45.16
N VAL D 75 14.15 -1.97 -44.04
CA VAL D 75 13.49 -0.93 -43.29
C VAL D 75 13.89 -0.53 -41.82
N GLU D 76 14.28 -1.50 -41.01
CA GLU D 76 14.61 -1.17 -39.63
C GLU D 76 15.87 -0.29 -39.42
N LYS D 77 16.29 -0.12 -38.15
CA LYS D 77 17.47 0.67 -37.83
C LYS D 77 18.03 0.52 -36.38
N ILE D 78 18.78 -0.54 -36.14
CA ILE D 78 19.35 -0.85 -34.82
C ILE D 78 20.43 0.14 -34.40
N SER D 79 20.21 1.00 -33.42
CA SER D 79 21.26 1.94 -33.01
C SER D 79 21.71 1.80 -31.55
N MET D 80 22.67 2.62 -31.15
CA MET D 80 23.24 2.56 -29.80
C MET D 80 22.71 3.63 -28.87
N LEU D 81 22.84 3.39 -27.56
CA LEU D 81 22.34 4.35 -26.58
C LEU D 81 23.29 5.43 -26.13
N ASP D 82 22.72 6.41 -25.43
CA ASP D 82 23.48 7.53 -24.94
C ASP D 82 23.09 8.00 -23.55
N LYS D 83 21.78 8.18 -23.35
CA LYS D 83 21.30 8.73 -22.10
C LYS D 83 20.74 7.93 -20.93
N ILE D 84 19.49 7.50 -21.09
CA ILE D 84 18.79 6.80 -20.02
C ILE D 84 18.67 7.83 -18.89
N TYR D 85 17.58 8.58 -18.97
CA TYR D 85 17.26 9.60 -17.99
C TYR D 85 15.97 9.17 -17.28
N ILE D 86 16.07 8.72 -16.03
CA ILE D 86 14.91 8.29 -15.27
C ILE D 86 14.43 9.51 -14.51
N HIS D 87 13.24 9.48 -13.96
CA HIS D 87 12.76 10.63 -13.17
C HIS D 87 13.36 10.61 -11.76
N PRO D 88 13.76 11.77 -11.22
CA PRO D 88 14.31 11.66 -9.87
C PRO D 88 13.34 11.03 -8.88
N ARG D 89 12.05 11.32 -9.02
CA ARG D 89 11.03 10.79 -8.13
C ARG D 89 10.13 9.67 -8.69
N TYR D 90 10.74 8.79 -9.47
CA TYR D 90 10.08 7.65 -10.06
C TYR D 90 9.87 6.68 -8.89
N ASN D 91 8.65 6.66 -8.39
CA ASN D 91 8.23 5.85 -7.24
C ASN D 91 8.31 4.31 -7.30
N TRP D 92 9.32 3.74 -7.95
CA TRP D 92 9.45 2.29 -8.08
C TRP D 92 9.25 1.46 -6.81
N LYS D 93 9.40 2.05 -5.63
CA LYS D 93 9.19 1.32 -4.37
C LYS D 93 7.71 1.04 -4.01
N GLU D 94 6.76 1.81 -4.56
CA GLU D 94 5.37 1.56 -4.22
C GLU D 94 4.37 1.40 -5.37
N ASN D 95 4.13 2.42 -6.16
CA ASN D 95 3.15 2.32 -7.24
C ASN D 95 3.56 2.73 -8.68
N LEU D 96 4.86 2.72 -8.98
CA LEU D 96 5.44 3.10 -10.29
C LEU D 96 5.01 4.47 -10.76
N ASP D 97 4.84 5.40 -9.81
CA ASP D 97 4.42 6.79 -10.10
C ASP D 97 5.48 7.43 -11.00
N ARG D 98 5.05 8.24 -11.98
CA ARG D 98 6.00 8.91 -12.86
C ARG D 98 6.81 7.87 -13.63
N ASP D 99 6.19 6.75 -14.03
CA ASP D 99 6.96 5.73 -14.75
C ASP D 99 7.39 6.25 -16.10
N ILE D 100 8.35 7.17 -16.15
CA ILE D 100 8.76 7.75 -17.43
C ILE D 100 10.28 7.96 -17.60
N ALA D 101 10.82 7.40 -18.67
CA ALA D 101 12.23 7.50 -18.99
C ALA D 101 12.50 8.39 -20.20
N LEU D 102 13.76 8.58 -20.51
CA LEU D 102 14.09 9.47 -21.59
C LEU D 102 15.37 9.10 -22.29
N LEU D 103 15.35 8.01 -23.04
CA LEU D 103 16.49 7.53 -23.82
C LEU D 103 16.91 8.54 -24.90
N LYS D 104 18.24 8.64 -25.14
CA LYS D 104 18.84 9.53 -26.16
C LYS D 104 19.73 8.63 -27.02
N LEU D 105 19.56 8.66 -28.35
CA LEU D 105 20.34 7.79 -29.24
C LEU D 105 21.75 8.35 -29.44
N LYS D 106 22.73 7.48 -29.67
CA LYS D 106 24.11 7.94 -29.88
C LYS D 106 24.29 8.98 -31.01
N ARG D 107 23.72 8.69 -32.19
CA ARG D 107 23.75 9.61 -33.34
C ARG D 107 22.34 9.66 -33.96
N PRO D 108 21.86 10.88 -34.28
CA PRO D 108 20.53 11.16 -34.86
C PRO D 108 20.20 10.28 -36.03
N ILE D 109 19.17 9.44 -35.87
CA ILE D 109 18.80 8.53 -36.94
C ILE D 109 18.17 9.23 -38.12
N GLU D 110 18.33 8.61 -39.29
CA GLU D 110 17.80 9.11 -40.55
C GLU D 110 16.29 8.91 -40.69
N LEU D 111 15.56 10.00 -40.67
CA LEU D 111 14.13 9.93 -40.82
C LEU D 111 13.72 9.10 -42.05
N SER D 112 12.44 8.78 -42.15
CA SER D 112 11.92 7.99 -43.28
C SER D 112 10.40 7.73 -43.28
N ASP D 113 9.96 7.04 -44.34
CA ASP D 113 8.55 6.72 -44.48
C ASP D 113 8.13 5.85 -43.30
N TYR D 114 8.98 4.87 -43.01
CA TYR D 114 8.79 3.88 -41.97
C TYR D 114 9.25 4.33 -40.58
N ILE D 115 9.96 5.44 -40.51
CA ILE D 115 10.45 5.92 -39.22
C ILE D 115 10.08 7.38 -39.13
N HIS D 116 9.04 7.68 -38.36
CA HIS D 116 8.61 9.07 -38.25
C HIS D 116 8.27 9.40 -36.85
N PRO D 117 8.48 10.64 -36.42
CA PRO D 117 8.12 10.90 -35.01
C PRO D 117 6.62 11.18 -34.64
N VAL D 118 6.30 11.04 -33.35
CA VAL D 118 4.96 11.29 -32.77
C VAL D 118 5.03 12.62 -31.98
N CYS D 119 3.89 13.24 -31.70
CA CYS D 119 3.90 14.55 -31.00
C CYS D 119 3.51 14.48 -29.53
N LEU D 120 4.04 15.42 -28.73
CA LEU D 120 3.72 15.54 -27.31
C LEU D 120 2.60 16.56 -27.30
N PRO D 121 1.54 16.24 -26.56
CA PRO D 121 0.39 17.16 -26.49
C PRO D 121 0.65 18.50 -25.82
N ASP D 122 -0.23 19.44 -26.15
CA ASP D 122 -0.16 20.79 -25.61
C ASP D 122 -1.43 21.00 -24.79
N LYS D 123 -1.27 21.77 -23.72
CA LYS D 123 -2.31 22.15 -22.77
C LYS D 123 -3.69 22.40 -23.38
N GLN D 124 -3.73 22.87 -24.63
CA GLN D 124 -5.01 23.07 -25.29
C GLN D 124 -5.61 21.75 -25.82
N THR D 125 -4.94 21.10 -26.79
CA THR D 125 -5.47 19.85 -27.35
C THR D 125 -5.63 18.87 -26.24
N ALA D 126 -4.76 19.00 -25.24
CA ALA D 126 -4.77 18.10 -24.09
C ALA D 126 -6.13 18.12 -23.40
N ALA D 127 -6.49 19.32 -22.94
CA ALA D 127 -7.76 19.51 -22.25
C ALA D 127 -8.90 18.92 -23.07
N LYS D 128 -8.78 19.09 -24.38
CA LYS D 128 -9.74 18.66 -25.39
C LYS D 128 -9.95 17.14 -25.58
N LEU D 129 -8.86 16.39 -25.73
CA LEU D 129 -8.99 14.94 -25.99
C LEU D 129 -9.10 13.99 -24.81
N LEU D 130 -8.53 14.37 -23.68
CA LEU D 130 -8.60 13.47 -22.56
C LEU D 130 -10.00 13.39 -21.91
N HIS D 131 -11.01 12.96 -22.67
CA HIS D 131 -12.34 12.79 -22.08
C HIS D 131 -12.72 11.29 -21.99
N ALA D 132 -13.27 10.88 -20.84
CA ALA D 132 -13.65 9.49 -20.64
C ALA D 132 -14.68 9.11 -21.70
N GLY D 133 -14.28 8.19 -22.56
CA GLY D 133 -15.15 7.73 -23.64
C GLY D 133 -14.45 7.76 -24.99
N PHE D 134 -13.52 8.70 -25.16
CA PHE D 134 -12.78 8.84 -26.42
C PHE D 134 -11.82 7.69 -26.48
N LYS D 135 -11.41 7.32 -27.67
CA LYS D 135 -10.47 6.22 -27.76
C LYS D 135 -9.01 6.60 -28.17
N GLY D 136 -8.14 5.62 -28.09
CA GLY D 136 -6.74 5.83 -28.43
C GLY D 136 -6.20 4.46 -28.74
N ARG D 137 -5.00 4.38 -29.30
CA ARG D 137 -4.42 3.09 -29.62
C ARG D 137 -3.21 2.79 -28.76
N VAL D 138 -2.79 1.54 -28.77
CA VAL D 138 -1.62 1.17 -28.01
C VAL D 138 -0.96 0.08 -28.84
N THR D 139 0.33 0.23 -29.17
CA THR D 139 1.04 -0.74 -30.00
C THR D 139 2.10 -1.56 -29.30
N GLY D 140 2.13 -2.85 -29.56
CA GLY D 140 3.12 -3.70 -28.90
C GLY D 140 3.36 -5.17 -29.26
N TRP D 141 4.62 -5.51 -29.17
CA TRP D 141 5.06 -6.87 -29.44
C TRP D 141 4.86 -7.73 -28.17
N GLY D 142 4.28 -7.10 -27.15
CA GLY D 142 4.00 -7.76 -25.88
C GLY D 142 2.95 -8.84 -26.02
N ASN D 143 2.98 -9.76 -25.07
CA ASN D 143 2.12 -10.94 -25.03
C ASN D 143 0.65 -10.86 -25.43
N ARG D 144 0.20 -11.82 -26.24
CA ARG D 144 -1.20 -11.91 -26.69
C ARG D 144 -2.08 -12.25 -25.47
N ARG D 145 -2.08 -13.50 -25.03
CA ARG D 145 -2.86 -13.85 -23.85
C ARG D 145 -2.08 -13.42 -22.59
N GLU D 146 -2.61 -13.77 -21.43
CA GLU D 146 -1.95 -13.45 -20.16
C GLU D 146 -1.01 -14.58 -19.71
N THR D 147 -1.32 -15.81 -20.11
CA THR D 147 -0.52 -16.98 -19.78
C THR D 147 -0.23 -17.86 -20.99
N TRP D 148 0.34 -19.03 -20.70
CA TRP D 148 0.72 -20.05 -21.65
C TRP D 148 0.67 -21.33 -20.83
N THR D 149 0.86 -22.49 -21.45
CA THR D 149 0.87 -23.73 -20.69
C THR D 149 2.32 -23.92 -20.35
N THR D 150 3.18 -23.79 -21.36
CA THR D 150 4.61 -23.91 -21.20
C THR D 150 5.23 -22.96 -22.20
N SER D 151 6.31 -22.28 -21.82
CA SER D 151 6.99 -21.34 -22.73
C SER D 151 6.12 -20.19 -23.23
N VAL D 152 6.57 -18.97 -22.96
CA VAL D 152 5.81 -17.81 -23.36
C VAL D 152 5.95 -17.65 -24.87
N ALA D 153 6.66 -18.57 -25.48
CA ALA D 153 6.82 -18.53 -26.92
C ALA D 153 5.40 -18.56 -27.48
N GLU D 154 4.60 -19.47 -26.91
CA GLU D 154 3.21 -19.65 -27.31
C GLU D 154 2.21 -18.51 -27.01
N VAL D 155 2.67 -17.25 -27.06
CA VAL D 155 1.78 -16.14 -26.77
C VAL D 155 2.42 -14.87 -27.27
N GLN D 156 3.53 -14.95 -28.00
CA GLN D 156 4.15 -13.72 -28.49
C GLN D 156 3.86 -13.48 -29.96
N PRO D 157 3.11 -12.40 -30.26
CA PRO D 157 2.69 -11.97 -31.59
C PRO D 157 3.84 -12.07 -32.60
N SER D 158 3.51 -12.40 -33.86
CA SER D 158 4.54 -12.55 -34.89
C SER D 158 5.01 -11.20 -35.32
N VAL D 159 4.07 -10.27 -35.44
CA VAL D 159 4.37 -8.91 -35.89
C VAL D 159 3.69 -7.89 -34.97
N LEU D 160 3.96 -6.60 -35.18
CA LEU D 160 3.38 -5.51 -34.36
C LEU D 160 1.89 -5.62 -34.30
N GLN D 161 1.35 -5.50 -33.09
CA GLN D 161 -0.10 -5.57 -32.88
C GLN D 161 -0.70 -4.30 -32.34
N VAL D 162 -1.97 -4.08 -32.69
CA VAL D 162 -2.67 -2.87 -32.33
C VAL D 162 -4.06 -3.03 -31.79
N VAL D 163 -4.35 -2.14 -30.85
CA VAL D 163 -5.63 -2.08 -30.22
C VAL D 163 -5.92 -0.62 -29.81
N ASN D 164 -7.21 -0.29 -29.84
CA ASN D 164 -7.74 1.01 -29.52
C ASN D 164 -8.51 0.80 -28.23
N LEU D 165 -8.16 1.51 -27.18
CA LEU D 165 -8.90 1.38 -25.95
C LEU D 165 -9.51 2.72 -25.59
N PRO D 166 -10.64 2.70 -24.91
CA PRO D 166 -11.26 3.95 -24.55
C PRO D 166 -10.86 4.32 -23.08
N LEU D 167 -10.62 5.62 -22.89
CA LEU D 167 -10.30 6.24 -21.62
C LEU D 167 -11.43 5.98 -20.62
N VAL D 168 -11.08 5.85 -19.36
CA VAL D 168 -12.09 5.62 -18.36
C VAL D 168 -11.93 6.66 -17.27
N GLU D 169 -13.10 7.01 -16.72
CA GLU D 169 -13.32 7.99 -15.66
C GLU D 169 -12.37 7.69 -14.51
N ARG D 170 -11.52 8.64 -14.12
CA ARG D 170 -10.59 8.35 -13.00
C ARG D 170 -11.34 7.65 -11.85
N PRO D 171 -12.50 8.20 -11.45
CA PRO D 171 -13.25 7.57 -10.37
C PRO D 171 -13.37 6.07 -10.55
N VAL D 172 -13.67 5.60 -11.75
CA VAL D 172 -13.78 4.14 -11.92
C VAL D 172 -12.39 3.53 -11.68
N CYS D 173 -11.38 4.17 -12.29
CA CYS D 173 -9.97 3.72 -12.19
C CYS D 173 -9.62 3.40 -10.73
N LYS D 174 -9.80 4.39 -9.85
CA LYS D 174 -9.51 4.19 -8.43
C LYS D 174 -10.10 2.87 -7.97
N ALA D 175 -11.38 2.74 -8.25
CA ALA D 175 -12.18 1.57 -7.90
C ALA D 175 -11.55 0.26 -8.33
N SER D 176 -10.81 0.31 -9.42
CA SER D 176 -10.18 -0.87 -10.01
C SER D 176 -9.15 -1.56 -9.15
N THR D 177 -8.33 -0.82 -8.43
CA THR D 177 -7.27 -1.45 -7.65
C THR D 177 -6.85 -0.74 -6.38
N ARG D 178 -6.22 -1.52 -5.48
CA ARG D 178 -5.74 -1.03 -4.19
C ARG D 178 -4.49 -0.19 -4.42
N ILE D 179 -3.81 -0.51 -5.50
CA ILE D 179 -2.58 0.17 -5.89
C ILE D 179 -2.91 1.65 -6.08
N ARG D 180 -2.40 2.49 -5.19
CA ARG D 180 -2.64 3.96 -5.23
C ARG D 180 -2.34 4.53 -6.60
N ILE D 181 -3.32 5.21 -7.17
CA ILE D 181 -3.13 5.81 -8.47
C ILE D 181 -2.86 7.27 -8.26
N THR D 182 -2.01 7.82 -9.08
CA THR D 182 -1.59 9.19 -8.91
C THR D 182 -2.18 10.15 -9.93
N ASP D 183 -1.99 11.44 -9.67
CA ASP D 183 -2.42 12.52 -10.57
C ASP D 183 -1.97 12.19 -11.99
N ASN D 184 -0.71 11.81 -12.14
CA ASN D 184 -0.18 11.50 -13.45
C ASN D 184 -0.17 10.02 -13.74
N MET D 185 -1.37 9.50 -13.98
CA MET D 185 -1.59 8.10 -14.29
C MET D 185 -2.99 8.19 -14.88
N PHE D 186 -3.38 7.32 -15.81
CA PHE D 186 -4.75 7.40 -16.39
C PHE D 186 -5.11 6.04 -16.94
N CYS D 187 -6.27 5.52 -16.58
CA CYS D 187 -6.61 4.17 -17.06
C CYS D 187 -7.54 4.16 -18.24
N ALA D 188 -7.32 3.17 -19.10
CA ALA D 188 -8.04 2.99 -20.34
C ALA D 188 -8.39 1.52 -20.60
N GLY D 189 -9.64 1.26 -20.92
CA GLY D 189 -10.07 -0.10 -21.20
C GLY D 189 -11.57 -0.09 -21.26
N TYR D 190 -12.20 -1.19 -21.65
CA TYR D 190 -13.67 -1.20 -21.71
C TYR D 190 -14.20 -1.68 -20.35
N LYS D 191 -15.43 -1.28 -19.97
CA LYS D 191 -16.07 -1.71 -18.71
C LYS D 191 -16.74 -3.07 -18.89
N PRO D 192 -17.07 -3.75 -17.77
CA PRO D 192 -17.72 -5.08 -17.71
C PRO D 192 -18.99 -5.31 -18.56
N GLY D 193 -19.77 -4.25 -18.79
CA GLY D 193 -20.95 -4.40 -19.62
C GLY D 193 -20.61 -4.26 -21.10
N GLU D 194 -20.06 -3.10 -21.48
CA GLU D 194 -19.68 -2.72 -22.84
C GLU D 194 -19.43 -3.78 -23.94
N GLY D 195 -18.92 -4.96 -23.59
CA GLY D 195 -18.71 -5.98 -24.60
C GLY D 195 -17.56 -5.96 -25.61
N LYS D 196 -16.47 -5.26 -25.31
CA LYS D 196 -15.31 -5.24 -26.21
C LYS D 196 -14.07 -5.37 -25.34
N ARG D 197 -13.31 -6.46 -25.47
CA ARG D 197 -12.10 -6.64 -24.65
C ARG D 197 -10.92 -6.01 -25.36
N GLY D 198 -9.76 -6.11 -24.74
CA GLY D 198 -8.53 -5.55 -25.32
C GLY D 198 -7.63 -4.91 -24.29
N ASP D 199 -6.32 -4.97 -24.48
CA ASP D 199 -5.43 -4.37 -23.49
C ASP D 199 -3.91 -4.58 -23.73
N ALA D 200 -3.12 -3.74 -23.06
CA ALA D 200 -1.68 -3.79 -23.14
C ALA D 200 -1.35 -4.84 -22.13
N CYS D 201 -0.73 -5.90 -22.60
CA CYS D 201 -0.36 -6.98 -21.74
C CYS D 201 1.13 -6.82 -21.35
N GLU D 202 1.68 -7.72 -20.53
CA GLU D 202 3.09 -7.61 -20.10
C GLU D 202 4.09 -7.63 -21.25
N GLY D 203 4.95 -6.64 -21.28
CA GLY D 203 5.89 -6.61 -22.38
C GLY D 203 5.50 -5.49 -23.30
N ASP D 204 4.37 -4.86 -23.07
CA ASP D 204 3.96 -3.73 -23.91
C ASP D 204 4.45 -2.37 -23.37
N SER D 205 4.85 -2.34 -22.10
CA SER D 205 5.36 -1.16 -21.41
C SER D 205 6.36 -0.38 -22.25
N GLY D 206 6.10 0.91 -22.42
CA GLY D 206 7.01 1.74 -23.21
C GLY D 206 6.30 2.21 -24.48
N GLY D 207 5.61 1.28 -25.12
CA GLY D 207 4.85 1.60 -26.32
C GLY D 207 3.93 2.75 -25.94
N PRO D 208 3.70 3.66 -26.87
CA PRO D 208 2.84 4.79 -26.57
C PRO D 208 1.33 4.56 -26.65
N PHE D 209 0.58 5.35 -25.91
CA PHE D 209 -0.89 5.32 -26.01
C PHE D 209 -1.12 6.65 -26.78
N VAL D 210 -1.61 6.59 -28.01
CA VAL D 210 -1.77 7.81 -28.82
C VAL D 210 -3.16 8.04 -29.43
N MET D 211 -3.56 9.29 -29.48
CA MET D 211 -4.83 9.62 -30.08
C MET D 211 -4.54 10.50 -31.31
N LYS D 212 -5.56 10.75 -32.10
CA LYS D 212 -5.39 11.60 -33.28
C LYS D 212 -6.22 12.86 -32.95
N SER D 213 -5.82 14.02 -33.47
CA SER D 213 -6.54 15.25 -33.20
C SER D 213 -7.66 15.53 -34.21
N PRO D 214 -8.77 16.15 -33.76
CA PRO D 214 -9.92 16.49 -34.59
C PRO D 214 -9.71 17.87 -35.23
N TYR D 215 -8.58 18.48 -34.91
CA TYR D 215 -8.15 19.76 -35.47
C TYR D 215 -6.81 19.24 -35.94
N ASN D 216 -6.24 19.88 -36.95
CA ASN D 216 -4.91 19.50 -37.48
C ASN D 216 -4.56 18.03 -37.63
N ASN D 217 -5.54 17.13 -37.50
CA ASN D 217 -5.30 15.66 -37.51
C ASN D 217 -3.88 15.10 -37.55
N ARG D 218 -3.14 15.43 -36.49
CA ARG D 218 -1.79 14.92 -36.28
C ARG D 218 -1.98 13.92 -35.14
N TRP D 219 -0.98 13.08 -34.91
CA TRP D 219 -1.02 12.08 -33.86
C TRP D 219 -0.26 12.57 -32.63
N TYR D 220 -0.88 12.45 -31.45
CA TYR D 220 -0.25 12.86 -30.20
C TYR D 220 -0.12 11.72 -29.18
N GLN D 221 0.96 11.78 -28.38
CA GLN D 221 1.20 10.79 -27.35
C GLN D 221 0.72 11.25 -25.99
N MET D 222 -0.41 10.68 -25.59
CA MET D 222 -1.05 10.95 -24.31
C MET D 222 -0.53 10.15 -23.15
N GLY D 223 -0.06 8.94 -23.37
CA GLY D 223 0.46 8.18 -22.24
C GLY D 223 1.69 7.32 -22.50
N ILE D 224 1.97 6.41 -21.56
CA ILE D 224 3.06 5.47 -21.68
C ILE D 224 2.56 4.20 -21.01
N VAL D 225 2.66 3.05 -21.67
CA VAL D 225 2.18 1.84 -21.03
C VAL D 225 3.04 1.62 -19.79
N SER D 226 2.38 1.60 -18.62
CA SER D 226 3.03 1.41 -17.31
C SER D 226 2.71 0.10 -16.56
N TRP D 227 1.55 -0.01 -15.93
CA TRP D 227 1.21 -1.19 -15.15
C TRP D 227 -0.19 -1.78 -15.33
N GLY D 228 -0.50 -2.80 -14.54
CA GLY D 228 -1.80 -3.44 -14.60
C GLY D 228 -1.81 -4.78 -13.88
N GLU D 229 -3.01 -5.30 -13.60
CA GLU D 229 -3.13 -6.58 -12.90
C GLU D 229 -3.63 -7.70 -13.80
N GLY D 230 -2.71 -8.50 -14.30
CA GLY D 230 -3.06 -9.56 -15.23
C GLY D 230 -3.06 -8.96 -16.63
N CYS D 231 -3.94 -9.42 -17.49
CA CYS D 231 -4.05 -8.88 -18.83
C CYS D 231 -5.43 -9.27 -19.29
N ASP D 232 -6.25 -8.24 -19.61
CA ASP D 232 -7.64 -8.36 -20.07
C ASP D 232 -8.57 -9.04 -19.06
N ARG D 233 -8.51 -8.59 -17.81
CA ARG D 233 -9.36 -9.15 -16.77
C ARG D 233 -10.55 -8.21 -16.67
N ASP D 234 -11.75 -8.77 -16.72
CA ASP D 234 -12.96 -7.96 -16.59
C ASP D 234 -13.00 -7.50 -15.15
N GLY D 235 -13.12 -6.20 -15.00
CA GLY D 235 -13.16 -5.60 -13.68
C GLY D 235 -11.89 -4.83 -13.40
N LYS D 236 -10.93 -4.87 -14.31
CA LYS D 236 -9.68 -4.15 -14.13
C LYS D 236 -9.38 -3.28 -15.35
N TYR D 237 -8.51 -2.27 -15.20
CA TYR D 237 -8.11 -1.38 -16.29
C TYR D 237 -6.59 -1.14 -16.33
N GLY D 238 -6.04 -1.05 -17.54
CA GLY D 238 -4.64 -0.79 -17.73
C GLY D 238 -4.33 0.64 -17.38
N PHE D 239 -3.20 0.86 -16.73
CA PHE D 239 -2.78 2.20 -16.31
C PHE D 239 -1.59 2.67 -17.15
N TYR D 240 -1.60 3.98 -17.47
CA TYR D 240 -0.59 4.62 -18.31
C TYR D 240 -0.08 5.90 -17.70
N THR D 241 1.21 6.15 -17.95
CA THR D 241 1.92 7.35 -17.50
C THR D 241 1.23 8.51 -18.18
N HIS D 242 0.85 9.53 -17.43
CA HIS D 242 0.23 10.71 -18.05
C HIS D 242 1.33 11.66 -18.61
N VAL D 243 1.88 11.32 -19.78
CA VAL D 243 2.93 12.07 -20.47
C VAL D 243 2.71 13.57 -20.42
N PHE D 244 1.49 14.02 -20.67
CA PHE D 244 1.25 15.47 -20.63
C PHE D 244 1.73 16.18 -19.34
N ARG D 245 1.31 15.64 -18.18
CA ARG D 245 1.64 16.20 -16.86
C ARG D 245 3.11 16.14 -16.49
N LEU D 246 3.85 15.33 -17.21
CA LEU D 246 5.25 15.24 -16.98
C LEU D 246 5.97 16.01 -18.08
N LYS D 247 5.20 16.64 -18.98
CA LYS D 247 5.80 17.39 -20.10
C LYS D 247 6.82 18.44 -19.72
N LYS D 248 6.56 19.15 -18.63
CA LYS D 248 7.50 20.19 -18.20
C LYS D 248 8.90 19.63 -17.86
N TRP D 249 8.94 18.45 -17.27
CA TRP D 249 10.21 17.84 -16.93
C TRP D 249 11.05 17.60 -18.17
N ILE D 250 10.42 16.92 -19.14
CA ILE D 250 11.07 16.55 -20.38
C ILE D 250 11.79 17.77 -20.91
N GLN D 251 11.07 18.90 -20.87
CA GLN D 251 11.60 20.15 -21.35
C GLN D 251 12.90 20.49 -20.61
N LYS D 252 12.90 20.28 -19.28
CA LYS D 252 14.08 20.57 -18.45
C LYS D 252 15.23 19.66 -18.84
N VAL D 253 14.96 18.36 -18.85
CA VAL D 253 15.95 17.35 -19.21
C VAL D 253 16.60 17.64 -20.60
N ILE D 254 15.78 17.64 -21.64
CA ILE D 254 16.26 17.88 -23.00
C ILE D 254 16.97 19.21 -23.16
N ASP D 255 16.20 20.27 -22.98
CA ASP D 255 16.73 21.60 -23.19
C ASP D 255 17.93 22.02 -22.36
N ARG D 256 18.36 21.22 -21.40
CA ARG D 256 19.55 21.58 -20.63
C ARG D 256 20.70 20.65 -20.99
N LEU D 257 20.50 19.88 -22.06
CA LEU D 257 21.54 18.96 -22.52
C LEU D 257 22.46 19.60 -23.56
N GLY D 258 22.99 20.77 -23.22
CA GLY D 258 23.88 21.47 -24.11
C GLY D 258 23.44 22.89 -24.39
N SER D 259 23.23 23.17 -25.67
CA SER D 259 22.82 24.48 -26.15
C SER D 259 21.33 24.56 -26.50
C1 NAG E . 14.26 0.85 20.67
C2 NAG E . 15.09 0.64 19.42
C3 NAG E . 15.95 -0.58 19.55
C4 NAG E . 16.91 -0.37 20.72
C5 NAG E . 16.12 -0.03 22.00
C6 NAG E . 17.05 0.46 23.09
C7 NAG E . 14.25 1.38 17.30
C8 NAG E . 13.34 1.12 16.12
N2 NAG E . 14.24 0.48 18.26
O3 NAG E . 16.67 -0.73 18.34
O4 NAG E . 17.69 -1.56 20.94
O5 NAG E . 15.16 1.05 21.77
O6 NAG E . 16.79 -0.20 24.32
O7 NAG E . 14.95 2.39 17.37
C1 NAG E . 18.95 -1.62 20.35
C2 NAG E . 19.69 -2.86 20.83
C3 NAG E . 21.03 -2.99 20.08
C4 NAG E . 20.74 -3.04 18.58
C5 NAG E . 20.00 -1.76 18.20
C6 NAG E . 19.66 -1.67 16.73
C7 NAG E . 19.13 -3.39 23.11
C8 NAG E . 19.46 -3.21 24.58
N2 NAG E . 19.93 -2.75 22.25
O3 NAG E . 21.73 -4.16 20.50
O4 NAG E . 21.96 -3.16 17.84
O5 NAG E . 18.76 -1.69 18.93
O6 NAG E . 18.66 -2.61 16.37
O7 NAG E . 18.18 -4.08 22.73
C1 NAG F . 22.44 0.69 -11.05
C2 NAG F . 22.47 1.20 -9.62
C3 NAG F . 23.24 2.49 -9.53
C4 NAG F . 24.63 2.27 -10.09
C5 NAG F . 24.51 1.75 -11.53
C6 NAG F . 25.82 1.48 -12.21
C7 NAG F . 20.46 0.58 -8.44
C8 NAG F . 19.07 1.00 -8.01
N2 NAG F . 21.12 1.47 -9.17
O3 NAG F . 23.28 2.91 -8.19
O4 NAG F . 25.35 3.51 -10.09
O5 NAG F . 23.76 0.52 -11.54
O6 NAG F . 26.29 2.63 -12.90
O7 NAG F . 20.95 -0.54 -8.16
C1 NAG F . 26.18 3.74 -8.99
C2 NAG F . 26.88 5.06 -9.17
C3 NAG F . 27.70 5.37 -7.91
C4 NAG F . 26.77 5.36 -6.69
C5 NAG F . 26.06 4.01 -6.62
C6 NAG F . 25.06 3.89 -5.48
C7 NAG F . 27.30 5.46 -11.50
C8 NAG F . 28.29 5.34 -12.65
N2 NAG F . 27.73 5.00 -10.33
O3 NAG F . 28.32 6.66 -8.04
O4 NAG F . 27.53 5.59 -5.51
O5 NAG F . 25.34 3.78 -7.83
O6 NAG F . 23.92 4.70 -5.69
O7 NAG F . 26.17 5.94 -11.66
N 0G6 G . -5.26 6.52 11.37
CA 0G6 G . -4.13 5.57 11.32
C 0G6 G . -4.24 4.80 12.59
O 0G6 G . -5.33 4.35 12.91
CB 0G6 G . -4.31 4.61 10.17
CG 0G6 G . -3.17 3.69 9.96
CD1 0G6 G . -1.88 4.19 9.75
CD2 0G6 G . -3.35 2.31 10.02
CE1 0G6 G . -0.79 3.32 9.59
CE2 0G6 G . -2.25 1.42 9.87
CZ 0G6 G . -0.98 1.93 9.66
N1 0G6 G . -3.12 4.61 13.31
CA1 0G6 G . -2.99 3.88 14.59
C1 0G6 G . -3.83 4.40 15.71
O1 0G6 G . -4.17 5.59 15.73
CB1 0G6 G . -1.51 4.11 14.95
CG1 0G6 G . -0.84 4.13 13.65
CD 0G6 G . -1.79 5.02 12.84
N2 0G6 G . -4.19 3.52 16.64
CA2 0G6 G . -4.90 3.93 17.85
C2 0G6 G . -4.15 3.42 19.08
O2 0G6 G . -4.50 4.15 20.19
CB2 0G6 G . -6.40 3.51 17.84
CG2 0G6 G . -7.38 4.59 17.28
CD3 0G6 G . -7.70 4.37 15.76
NE 0G6 G . -9.08 4.69 15.38
CZ1 0G6 G . -10.12 3.87 15.54
NH1 0G6 G . -9.93 2.64 16.04
NH2 0G6 G . -11.34 4.28 15.20
C3 0G6 G . -2.63 3.61 18.83
N 0G6 H . 1.68 -6.61 -12.41
CA 0G6 H . 2.53 -5.59 -11.72
C 0G6 H . 2.90 -4.51 -12.75
O 0G6 H . 2.01 -3.91 -13.37
CB 0G6 H . 1.79 -5.00 -10.52
CG 0G6 H . 2.45 -3.82 -9.89
CD1 0G6 H . 3.53 -3.99 -9.07
CD2 0G6 H . 1.95 -2.55 -10.09
CE1 0G6 H . 4.10 -2.89 -8.45
CE2 0G6 H . 2.50 -1.45 -9.48
CZ 0G6 H . 3.58 -1.62 -8.64
N1 0G6 H . 4.21 -4.25 -12.94
CA1 0G6 H . 4.62 -3.24 -13.91
C1 0G6 H . 4.53 -3.95 -15.25
O1 0G6 H . 4.38 -5.18 -15.28
CB1 0G6 H . 6.10 -3.01 -13.55
CG1 0G6 H . 6.30 -3.71 -12.24
CD 0G6 H . 5.39 -4.87 -12.33
N2 0G6 H . 4.60 -3.19 -16.34
CA2 0G6 H . 4.51 -3.76 -17.69
C2 0G6 H . 5.59 -3.22 -18.56
O2 0G6 H . 5.73 -4.07 -19.63
CB2 0G6 H . 3.15 -3.47 -18.35
CG2 0G6 H . 2.04 -4.36 -17.87
CD3 0G6 H . 0.72 -3.63 -17.90
NE 0G6 H . -0.42 -4.54 -17.74
CZ1 0G6 H . -1.65 -4.27 -18.17
NH1 0G6 H . -1.89 -3.12 -18.80
NH2 0G6 H . -2.64 -5.16 -17.98
C3 0G6 H . 6.90 -3.15 -17.82
#